data_2XZ0
#
_entry.id   2XZ0
#
_cell.length_a   188.274
_cell.length_b   188.274
_cell.length_c   81.315
_cell.angle_alpha   90.00
_cell.angle_beta   90.00
_cell.angle_gamma   120.00
#
_symmetry.space_group_name_H-M   'P 31 2 1'
#
loop_
_entity.id
_entity.type
_entity.pdbx_description
1 polymer 'ACYL-[ACYL-CARRIER-PROTEIN] DESATURASE, CHLOROPLASTIC'
2 polymer 'ACYL CARRIER PROTEIN 1, CHLOROPLASTIC'
3 non-polymer 'FE (III) ION'
4 non-polymer 'ZINC ION'
5 non-polymer 1,2-ETHANEDIOL
6 water water
#
loop_
_entity_poly.entity_id
_entity_poly.type
_entity_poly.pdbx_seq_one_letter_code
_entity_poly.pdbx_strand_id
1 'polypeptide(L)'
;ASTLKSGSKEVENLKKPFMPPREVHVQVTHSMPPQKIEIFKSLDNWAEENILVHLKPVEKCWQPQDFLPDPASDGFDEQV
RELRERAKEIPDDYFVVLVGDMITEEALPTYQTMLNTLDGVRDETGASPTSWAIWTRAWTAEENRHGDLLNKYLYLSGRV
DMRQIEKTIQYLIGSGMDPRTENSPYLGFIYTSFQERATFISHGNTARQAKEHGDIKLAQICGTIAADEKRHETAYTKIV
EKLFEIDPDGTVLAFADMMRKKISMPAHLMYDGRDDNLFDHFSAVAQRLGVYTAKDYADILEFLVGRWKVDKLTGLSAEG
QKAQDYVCRLPPRIRRLEERAQGRAKEAPTMPFSWIFDRQVKL
;
A,B,C
2 'polypeptide(L)'
;AKKETIDKVSDIVKEKLALGADVVVTADSEFSKLGAD(SEP)LDTVEIVMNLEEEFGINVDEDKAQDISTIQQAADVIEG
LLEKKA
;
D
#
loop_
_chem_comp.id
_chem_comp.type
_chem_comp.name
_chem_comp.formula
EDO non-polymer 1,2-ETHANEDIOL 'C2 H6 O2'
FE non-polymer 'FE (III) ION' 'Fe 3'
ZN non-polymer 'ZINC ION' 'Zn 2'
#
# COMPACT_ATOMS: atom_id res chain seq x y z
N PHE A 18 -14.80 20.89 -29.33
CA PHE A 18 -16.23 20.51 -29.15
C PHE A 18 -16.41 18.99 -29.38
N MET A 19 -17.60 18.54 -29.81
CA MET A 19 -17.93 17.09 -29.88
C MET A 19 -17.29 16.27 -31.04
N PRO A 20 -16.57 15.18 -30.71
CA PRO A 20 -15.96 14.35 -31.77
C PRO A 20 -16.96 13.49 -32.57
N PRO A 21 -16.50 12.85 -33.68
CA PRO A 21 -17.36 11.94 -34.44
C PRO A 21 -17.65 10.65 -33.68
N ARG A 22 -18.78 10.04 -34.00
CA ARG A 22 -19.18 8.79 -33.37
C ARG A 22 -19.60 7.79 -34.44
N GLU A 23 -19.37 6.50 -34.16
CA GLU A 23 -19.77 5.40 -35.04
C GLU A 23 -21.26 5.49 -35.41
N VAL A 24 -21.53 5.65 -36.71
CA VAL A 24 -22.90 5.82 -37.20
C VAL A 24 -23.66 4.50 -37.32
N HIS A 25 -22.92 3.40 -37.43
CA HIS A 25 -23.49 2.06 -37.53
C HIS A 25 -23.87 1.45 -36.18
N VAL A 26 -25.02 0.78 -36.14
CA VAL A 26 -25.52 0.11 -34.93
C VAL A 26 -24.58 -1.01 -34.45
N GLN A 27 -24.29 -1.02 -33.15
CA GLN A 27 -23.30 -1.92 -32.53
C GLN A 27 -23.81 -3.38 -32.45
N VAL A 28 -22.93 -4.34 -32.81
CA VAL A 28 -23.26 -5.78 -32.75
C VAL A 28 -22.19 -6.55 -31.96
N THR A 29 -22.63 -7.34 -30.98
CA THR A 29 -21.69 -8.12 -30.15
C THR A 29 -21.90 -9.64 -30.28
N HIS A 30 -20.80 -10.38 -30.36
CA HIS A 30 -20.78 -11.86 -30.41
C HIS A 30 -21.61 -12.44 -31.56
N SER A 31 -21.12 -12.27 -32.79
CA SER A 31 -21.81 -12.80 -33.98
C SER A 31 -21.38 -14.24 -34.26
N MET A 32 -20.47 -14.75 -33.44
CA MET A 32 -19.96 -16.09 -33.59
C MET A 32 -20.70 -17.09 -32.69
N PRO A 33 -21.04 -18.29 -33.23
CA PRO A 33 -21.55 -19.36 -32.37
C PRO A 33 -20.51 -19.80 -31.32
N PRO A 34 -20.91 -19.81 -30.06
CA PRO A 34 -20.02 -19.89 -28.90
C PRO A 34 -19.13 -21.12 -28.80
N GLN A 35 -19.62 -22.28 -29.21
CA GLN A 35 -18.85 -23.50 -29.09
C GLN A 35 -17.55 -23.38 -29.91
N LYS A 36 -17.64 -22.75 -31.07
CA LYS A 36 -16.50 -22.67 -31.97
C LYS A 36 -15.33 -21.97 -31.31
N ILE A 37 -15.54 -21.54 -30.07
CA ILE A 37 -14.48 -20.94 -29.24
C ILE A 37 -13.38 -21.99 -28.99
N GLU A 38 -13.79 -23.26 -28.92
CA GLU A 38 -12.85 -24.37 -28.76
C GLU A 38 -11.88 -24.52 -29.93
N ILE A 39 -12.37 -24.30 -31.15
CA ILE A 39 -11.49 -24.28 -32.35
C ILE A 39 -10.31 -23.30 -32.17
N PHE A 40 -10.48 -22.29 -31.33
CA PHE A 40 -9.38 -21.37 -31.02
C PHE A 40 -8.68 -21.71 -29.70
N LYS A 41 -9.37 -22.45 -28.84
CA LYS A 41 -8.78 -22.93 -27.61
C LYS A 41 -7.84 -24.13 -27.90
N SER A 42 -8.23 -24.97 -28.86
CA SER A 42 -7.44 -26.13 -29.30
C SER A 42 -6.22 -25.76 -30.15
N LEU A 43 -6.36 -24.72 -30.97
CA LEU A 43 -5.28 -24.28 -31.85
C LEU A 43 -4.12 -23.61 -31.09
N ASP A 44 -4.17 -23.69 -29.77
CA ASP A 44 -3.13 -23.17 -28.89
C ASP A 44 -1.74 -23.70 -29.27
N ASN A 45 -1.65 -25.03 -29.44
CA ASN A 45 -0.41 -25.66 -29.83
C ASN A 45 0.04 -25.20 -31.21
N TRP A 46 -0.86 -25.26 -32.20
CA TRP A 46 -0.60 -24.77 -33.55
C TRP A 46 -0.02 -23.34 -33.53
N ALA A 47 -0.70 -22.45 -32.80
CA ALA A 47 -0.26 -21.07 -32.65
C ALA A 47 1.19 -20.94 -32.21
N GLU A 48 1.60 -21.75 -31.23
CA GLU A 48 2.99 -21.69 -30.75
C GLU A 48 3.98 -22.07 -31.84
N GLU A 49 3.62 -23.08 -32.64
CA GLU A 49 4.48 -23.56 -33.72
C GLU A 49 4.42 -22.70 -34.99
N ASN A 50 3.38 -21.89 -35.13
CA ASN A 50 3.10 -21.25 -36.42
C ASN A 50 2.84 -19.77 -36.41
N ILE A 51 2.60 -19.21 -35.22
CA ILE A 51 2.41 -17.76 -35.07
C ILE A 51 3.50 -17.12 -34.20
N LEU A 52 3.79 -17.74 -33.06
CA LEU A 52 4.84 -17.26 -32.16
C LEU A 52 6.25 -17.29 -32.77
N VAL A 53 6.44 -18.09 -33.82
CA VAL A 53 7.71 -18.05 -34.56
C VAL A 53 7.93 -16.70 -35.27
N HIS A 54 6.85 -16.05 -35.70
CA HIS A 54 6.92 -14.75 -36.40
C HIS A 54 7.22 -13.57 -35.46
N LEU A 55 7.49 -13.89 -34.19
CA LEU A 55 7.91 -12.90 -33.21
C LEU A 55 9.42 -12.83 -33.14
N LYS A 56 9.95 -11.60 -33.15
CA LYS A 56 11.37 -11.38 -32.89
C LYS A 56 11.58 -11.41 -31.39
N PRO A 57 12.60 -12.15 -30.92
CA PRO A 57 13.01 -12.02 -29.51
C PRO A 57 13.35 -10.56 -29.21
N VAL A 58 12.97 -10.10 -28.04
CA VAL A 58 13.16 -8.70 -27.69
C VAL A 58 14.62 -8.24 -27.87
N GLU A 59 15.58 -9.05 -27.43
CA GLU A 59 17.00 -8.71 -27.54
C GLU A 59 17.43 -8.46 -28.98
N LYS A 60 16.72 -9.07 -29.93
CA LYS A 60 17.09 -8.94 -31.33
C LYS A 60 16.35 -7.78 -32.01
N CYS A 61 15.31 -7.26 -31.37
CA CYS A 61 14.53 -6.14 -31.90
C CYS A 61 15.26 -4.81 -31.92
N TRP A 62 14.99 -4.01 -32.96
CA TRP A 62 15.39 -2.62 -33.00
C TRP A 62 14.55 -1.83 -32.04
N GLN A 63 15.06 -0.67 -31.64
CA GLN A 63 14.34 0.21 -30.75
C GLN A 63 14.35 1.59 -31.38
N PRO A 64 13.39 2.46 -31.01
CA PRO A 64 13.33 3.77 -31.65
C PRO A 64 14.65 4.52 -31.61
N GLN A 65 15.42 4.35 -30.54
CA GLN A 65 16.69 5.07 -30.39
C GLN A 65 17.65 4.74 -31.53
N ASP A 66 17.50 3.56 -32.12
CA ASP A 66 18.36 3.16 -33.21
C ASP A 66 18.26 4.11 -34.41
N PHE A 67 17.23 4.96 -34.41
CA PHE A 67 16.91 5.71 -35.62
C PHE A 67 16.71 7.19 -35.38
N LEU A 68 17.12 7.65 -34.21
CA LEU A 68 16.96 9.04 -33.83
C LEU A 68 18.28 9.54 -33.33
N PRO A 69 18.47 10.87 -33.31
CA PRO A 69 19.63 11.47 -32.70
C PRO A 69 19.92 10.91 -31.31
N ASP A 70 21.19 10.78 -30.97
CA ASP A 70 21.63 10.10 -29.75
C ASP A 70 21.88 11.12 -28.65
N PRO A 71 20.92 11.28 -27.73
CA PRO A 71 21.01 12.37 -26.78
C PRO A 71 22.20 12.27 -25.85
N ALA A 72 22.83 11.11 -25.78
CA ALA A 72 23.99 10.91 -24.94
C ALA A 72 25.27 10.87 -25.78
N SER A 73 25.25 11.52 -26.94
CA SER A 73 26.39 11.55 -27.85
C SER A 73 26.89 12.98 -28.11
N ASP A 74 28.19 13.17 -28.08
CA ASP A 74 28.72 14.44 -28.50
C ASP A 74 28.11 14.89 -29.84
N GLY A 75 27.53 13.98 -30.61
CA GLY A 75 26.99 14.33 -31.92
C GLY A 75 25.51 14.71 -31.91
N PHE A 76 24.92 14.80 -30.70
CA PHE A 76 23.47 15.02 -30.59
C PHE A 76 23.03 16.31 -31.28
N ASP A 77 23.67 17.44 -30.94
CA ASP A 77 23.31 18.71 -31.55
C ASP A 77 23.35 18.66 -33.06
N GLU A 78 24.47 18.26 -33.64
CA GLU A 78 24.54 18.28 -35.09
C GLU A 78 23.52 17.34 -35.67
N GLN A 79 23.34 16.18 -35.03
CA GLN A 79 22.30 15.25 -35.45
C GLN A 79 20.91 15.87 -35.58
N VAL A 80 20.47 16.55 -34.51
CA VAL A 80 19.19 17.24 -34.48
C VAL A 80 19.15 18.36 -35.53
N ARG A 81 20.19 19.19 -35.52
CA ARG A 81 20.31 20.22 -36.54
C ARG A 81 20.10 19.62 -37.95
N GLU A 82 20.79 18.53 -38.27
CA GLU A 82 20.61 17.84 -39.56
C GLU A 82 19.20 17.35 -39.86
N LEU A 83 18.65 16.53 -38.97
CA LEU A 83 17.26 16.09 -39.05
C LEU A 83 16.34 17.24 -39.49
N ARG A 84 16.61 18.42 -38.94
CA ARG A 84 15.73 19.56 -39.11
C ARG A 84 15.91 20.23 -40.45
N GLU A 85 17.16 20.39 -40.86
CA GLU A 85 17.51 20.87 -42.19
C GLU A 85 16.86 19.99 -43.24
N ARG A 86 17.06 18.68 -43.13
CA ARG A 86 16.41 17.73 -44.00
C ARG A 86 14.91 17.91 -44.03
N ALA A 87 14.30 18.15 -42.87
CA ALA A 87 12.85 18.21 -42.77
C ALA A 87 12.28 19.31 -43.65
N LYS A 88 12.99 20.42 -43.74
CA LYS A 88 12.50 21.59 -44.47
C LYS A 88 12.19 21.26 -45.91
N GLU A 89 13.02 20.41 -46.48
CA GLU A 89 12.90 19.93 -47.85
C GLU A 89 11.73 18.97 -48.03
N ILE A 90 11.17 18.47 -46.94
CA ILE A 90 9.97 17.63 -47.02
C ILE A 90 8.73 18.54 -47.06
N PRO A 91 7.86 18.36 -48.06
CA PRO A 91 6.72 19.26 -48.15
C PRO A 91 5.63 18.97 -47.12
N ASP A 92 4.83 19.99 -46.80
CA ASP A 92 3.70 19.87 -45.86
C ASP A 92 2.73 18.71 -46.14
N ASP A 93 2.32 18.50 -47.39
CA ASP A 93 1.39 17.41 -47.66
C ASP A 93 1.91 16.08 -47.09
N TYR A 94 3.19 15.78 -47.34
CA TYR A 94 3.82 14.58 -46.83
C TYR A 94 3.71 14.55 -45.31
N PHE A 95 4.06 15.67 -44.67
CA PHE A 95 3.91 15.75 -43.22
C PHE A 95 2.49 15.44 -42.71
N VAL A 96 1.48 15.90 -43.44
CA VAL A 96 0.09 15.63 -43.08
C VAL A 96 -0.15 14.12 -43.07
N VAL A 97 0.26 13.44 -44.13
CA VAL A 97 0.13 11.98 -44.18
C VAL A 97 0.93 11.29 -43.05
N LEU A 98 2.21 11.65 -42.93
CA LEU A 98 3.06 11.09 -41.89
C LEU A 98 2.44 11.24 -40.51
N VAL A 99 1.92 12.45 -40.25
CA VAL A 99 1.22 12.76 -39.01
C VAL A 99 0.00 11.87 -38.76
N GLY A 100 -0.83 11.68 -39.78
CA GLY A 100 -2.00 10.81 -39.67
C GLY A 100 -1.56 9.43 -39.26
N ASP A 101 -0.64 8.87 -40.05
CA ASP A 101 0.07 7.65 -39.72
C ASP A 101 0.40 7.52 -38.25
N MET A 102 1.19 8.49 -37.78
CA MET A 102 1.69 8.45 -36.43
C MET A 102 0.53 8.46 -35.45
N ILE A 103 -0.46 9.32 -35.69
CA ILE A 103 -1.62 9.39 -34.81
C ILE A 103 -2.32 8.04 -34.75
N THR A 104 -2.53 7.41 -35.91
CA THR A 104 -3.06 6.07 -35.94
C THR A 104 -2.20 5.16 -35.06
N GLU A 105 -0.89 5.11 -35.34
CA GLU A 105 0.00 4.23 -34.60
C GLU A 105 -0.02 4.51 -33.12
N GLU A 106 -0.31 5.76 -32.75
CA GLU A 106 -0.21 6.18 -31.34
C GLU A 106 -1.42 5.74 -30.53
N ALA A 107 -2.52 5.46 -31.21
CA ALA A 107 -3.74 5.06 -30.56
C ALA A 107 -3.68 3.58 -30.18
N LEU A 108 -2.46 3.07 -29.99
CA LEU A 108 -2.22 1.66 -29.73
C LEU A 108 -3.07 1.00 -28.64
N PRO A 109 -3.26 1.67 -27.50
CA PRO A 109 -4.01 1.02 -26.43
C PRO A 109 -5.40 0.56 -26.89
N THR A 110 -5.98 1.29 -27.85
CA THR A 110 -7.22 0.87 -28.49
C THR A 110 -7.06 -0.53 -29.11
N TYR A 111 -6.02 -0.69 -29.91
CA TYR A 111 -5.80 -1.95 -30.64
C TYR A 111 -5.51 -3.17 -29.79
N GLN A 112 -4.86 -3.00 -28.64
CA GLN A 112 -4.70 -4.15 -27.76
C GLN A 112 -6.03 -4.46 -27.15
N THR A 113 -6.76 -3.45 -26.71
CA THR A 113 -8.13 -3.67 -26.24
C THR A 113 -8.97 -4.37 -27.33
N MET A 114 -8.83 -3.93 -28.58
CA MET A 114 -9.58 -4.49 -29.69
C MET A 114 -9.35 -6.00 -29.88
N LEU A 115 -8.10 -6.45 -29.73
CA LEU A 115 -7.78 -7.88 -29.80
C LEU A 115 -8.28 -8.62 -28.58
N ASN A 116 -8.45 -7.92 -27.47
CA ASN A 116 -8.98 -8.56 -26.26
C ASN A 116 -10.51 -8.58 -26.17
N THR A 117 -11.18 -8.38 -27.30
CA THR A 117 -12.63 -8.52 -27.38
C THR A 117 -12.96 -9.76 -28.22
N LEU A 118 -12.02 -10.13 -29.08
CA LEU A 118 -12.14 -11.30 -29.96
C LEU A 118 -12.38 -12.56 -29.14
N ASP A 119 -13.53 -13.19 -29.38
CA ASP A 119 -14.06 -14.28 -28.53
C ASP A 119 -13.14 -15.48 -28.34
N GLY A 120 -12.43 -15.87 -29.40
CA GLY A 120 -11.58 -17.05 -29.36
C GLY A 120 -10.20 -16.84 -28.73
N VAL A 121 -9.75 -15.58 -28.65
CA VAL A 121 -8.35 -15.34 -28.28
C VAL A 121 -8.13 -14.50 -27.03
N ARG A 122 -9.13 -13.72 -26.65
CA ARG A 122 -9.03 -12.74 -25.58
C ARG A 122 -8.20 -13.15 -24.35
N ASP A 123 -7.29 -12.27 -23.96
CA ASP A 123 -6.48 -12.47 -22.77
C ASP A 123 -7.37 -12.30 -21.55
N GLU A 124 -7.49 -13.36 -20.75
CA GLU A 124 -8.43 -13.39 -19.65
C GLU A 124 -7.99 -12.60 -18.41
N THR A 125 -6.70 -12.34 -18.26
CA THR A 125 -6.18 -11.73 -17.03
C THR A 125 -5.12 -10.67 -17.26
N GLY A 126 -4.67 -10.54 -18.51
CA GLY A 126 -3.58 -9.63 -18.85
C GLY A 126 -2.20 -10.26 -18.77
N ALA A 127 -2.14 -11.50 -18.27
CA ALA A 127 -0.89 -12.24 -18.09
C ALA A 127 -1.09 -13.73 -18.34
N SER A 128 -2.21 -14.06 -18.99
CA SER A 128 -2.58 -15.44 -19.31
C SER A 128 -1.55 -16.11 -20.22
N PRO A 129 -1.12 -17.35 -19.87
CA PRO A 129 -0.08 -18.07 -20.61
C PRO A 129 -0.52 -18.65 -21.95
N THR A 130 -1.73 -18.33 -22.40
CA THR A 130 -2.20 -18.83 -23.69
C THR A 130 -1.35 -18.30 -24.83
N SER A 131 -1.15 -19.13 -25.85
CA SER A 131 -0.38 -18.75 -27.05
C SER A 131 -0.97 -17.49 -27.66
N TRP A 132 -2.30 -17.40 -27.67
CA TRP A 132 -3.02 -16.24 -28.21
C TRP A 132 -2.74 -14.94 -27.43
N ALA A 133 -2.77 -15.03 -26.11
CA ALA A 133 -2.50 -13.88 -25.24
C ALA A 133 -1.05 -13.46 -25.39
N ILE A 134 -0.14 -14.43 -25.37
CA ILE A 134 1.28 -14.13 -25.49
C ILE A 134 1.55 -13.41 -26.80
N TRP A 135 0.95 -13.89 -27.89
CA TRP A 135 1.01 -13.16 -29.16
C TRP A 135 0.48 -11.74 -29.04
N THR A 136 -0.67 -11.59 -28.37
CA THR A 136 -1.30 -10.28 -28.23
C THR A 136 -0.39 -9.27 -27.48
N ARG A 137 0.06 -9.65 -26.29
CA ARG A 137 0.97 -8.84 -25.50
C ARG A 137 2.27 -8.52 -26.23
N ALA A 138 2.77 -9.47 -27.03
CA ALA A 138 4.05 -9.33 -27.69
C ALA A 138 3.92 -8.41 -28.92
N TRP A 139 2.81 -8.55 -29.63
CA TRP A 139 2.53 -7.73 -30.82
C TRP A 139 2.34 -6.28 -30.40
N THR A 140 1.57 -6.07 -29.34
CA THR A 140 1.39 -4.75 -28.77
C THR A 140 2.76 -4.13 -28.44
N ALA A 141 3.62 -4.90 -27.76
CA ALA A 141 4.95 -4.46 -27.40
C ALA A 141 5.75 -4.04 -28.62
N GLU A 142 5.64 -4.80 -29.71
CA GLU A 142 6.37 -4.45 -30.93
C GLU A 142 5.82 -3.21 -31.58
N GLU A 143 4.51 -3.02 -31.49
CA GLU A 143 3.83 -1.88 -32.10
C GLU A 143 4.14 -0.59 -31.36
N ASN A 144 4.21 -0.67 -30.03
CA ASN A 144 4.52 0.47 -29.23
C ASN A 144 5.73 1.23 -29.77
N ARG A 145 6.67 0.53 -30.40
CA ARG A 145 7.86 1.18 -30.95
C ARG A 145 7.50 2.11 -32.11
N HIS A 146 6.53 1.74 -32.93
CA HIS A 146 6.17 2.58 -34.08
C HIS A 146 5.70 3.98 -33.66
N GLY A 147 4.78 4.03 -32.71
CA GLY A 147 4.31 5.30 -32.19
C GLY A 147 5.47 6.15 -31.74
N ASP A 148 6.22 5.68 -30.74
CA ASP A 148 7.41 6.37 -30.21
C ASP A 148 8.34 6.92 -31.27
N LEU A 149 8.79 6.06 -32.17
CA LEU A 149 9.80 6.48 -33.13
C LEU A 149 9.24 7.63 -33.94
N LEU A 150 8.05 7.45 -34.49
CA LEU A 150 7.42 8.48 -35.30
C LEU A 150 7.16 9.79 -34.54
N ASN A 151 6.65 9.64 -33.32
CA ASN A 151 6.36 10.77 -32.45
C ASN A 151 7.62 11.62 -32.28
N LYS A 152 8.71 11.02 -31.83
CA LYS A 152 9.92 11.80 -31.59
C LYS A 152 10.53 12.38 -32.86
N TYR A 153 10.44 11.64 -33.96
CA TYR A 153 10.88 12.19 -35.22
C TYR A 153 10.08 13.44 -35.53
N LEU A 154 8.75 13.33 -35.44
CA LEU A 154 7.89 14.46 -35.76
C LEU A 154 8.18 15.62 -34.84
N TYR A 155 8.26 15.33 -33.54
CA TYR A 155 8.62 16.32 -32.54
C TYR A 155 9.88 17.06 -32.95
N LEU A 156 10.99 16.34 -33.14
CA LEU A 156 12.26 17.01 -33.44
C LEU A 156 12.19 17.82 -34.73
N SER A 157 11.37 17.38 -35.68
CA SER A 157 11.41 17.98 -37.02
C SER A 157 11.06 19.46 -36.96
N GLY A 158 10.09 19.79 -36.12
CA GLY A 158 9.66 21.16 -35.97
C GLY A 158 8.84 21.67 -37.12
N ARG A 159 8.29 20.77 -37.93
CA ARG A 159 7.46 21.13 -39.06
C ARG A 159 5.97 20.92 -38.76
N VAL A 160 5.65 20.21 -37.69
CA VAL A 160 4.25 19.93 -37.35
C VAL A 160 3.89 20.57 -36.00
N ASP A 161 2.61 20.52 -35.64
CA ASP A 161 2.14 21.15 -34.42
C ASP A 161 1.91 20.12 -33.34
N MET A 162 2.96 19.76 -32.62
CA MET A 162 2.85 18.65 -31.65
C MET A 162 1.66 18.74 -30.70
N ARG A 163 1.26 19.96 -30.36
CA ARG A 163 0.17 20.11 -29.41
C ARG A 163 -1.17 19.69 -30.01
N GLN A 164 -1.39 20.04 -31.26
CA GLN A 164 -2.62 19.67 -31.94
C GLN A 164 -2.61 18.19 -32.24
N ILE A 165 -1.43 17.65 -32.50
CA ILE A 165 -1.29 16.23 -32.76
C ILE A 165 -1.62 15.51 -31.46
N GLU A 166 -1.03 15.98 -30.37
CA GLU A 166 -1.26 15.36 -29.06
C GLU A 166 -2.73 15.38 -28.67
N LYS A 167 -3.43 16.44 -29.04
CA LYS A 167 -4.84 16.58 -28.77
C LYS A 167 -5.66 15.58 -29.62
N THR A 168 -5.31 15.45 -30.89
CA THR A 168 -6.01 14.55 -31.77
C THR A 168 -5.91 13.14 -31.21
N ILE A 169 -4.71 12.78 -30.80
CA ILE A 169 -4.46 11.48 -30.17
C ILE A 169 -5.37 11.27 -28.95
N GLN A 170 -5.56 12.30 -28.13
CA GLN A 170 -6.42 12.17 -26.96
C GLN A 170 -7.84 11.93 -27.39
N TYR A 171 -8.27 12.66 -28.42
CA TYR A 171 -9.62 12.56 -28.94
C TYR A 171 -9.86 11.17 -29.52
N LEU A 172 -8.83 10.63 -30.15
CA LEU A 172 -8.87 9.29 -30.74
C LEU A 172 -8.96 8.15 -29.73
N ILE A 173 -8.02 8.10 -28.79
CA ILE A 173 -8.03 7.08 -27.74
C ILE A 173 -9.36 7.08 -26.94
N GLY A 174 -9.89 8.25 -26.65
CA GLY A 174 -11.16 8.35 -25.94
C GLY A 174 -12.37 8.01 -26.81
N SER A 175 -12.21 8.10 -28.14
CA SER A 175 -13.29 7.76 -29.08
C SER A 175 -13.37 6.24 -29.20
N GLY A 176 -12.20 5.62 -29.19
CA GLY A 176 -12.06 4.22 -29.49
C GLY A 176 -12.32 3.95 -30.96
N MET A 177 -12.62 2.70 -31.25
CA MET A 177 -12.90 2.26 -32.59
C MET A 177 -13.92 1.13 -32.45
N ASP A 178 -14.69 0.91 -33.52
CA ASP A 178 -15.55 -0.28 -33.65
C ASP A 178 -15.37 -0.85 -35.05
N PRO A 179 -14.36 -1.72 -35.23
CA PRO A 179 -13.99 -2.21 -36.55
C PRO A 179 -15.04 -3.18 -37.12
N ARG A 180 -16.15 -3.32 -36.39
CA ARG A 180 -17.28 -4.17 -36.77
C ARG A 180 -16.83 -5.61 -36.98
N THR A 181 -16.01 -6.08 -36.04
CA THR A 181 -15.50 -7.45 -36.07
C THR A 181 -16.42 -8.34 -35.25
N GLU A 182 -17.32 -7.71 -34.50
CA GLU A 182 -18.39 -8.42 -33.79
C GLU A 182 -17.89 -9.52 -32.85
N ASN A 183 -16.71 -9.29 -32.25
CA ASN A 183 -16.01 -10.25 -31.39
C ASN A 183 -15.65 -11.58 -32.07
N SER A 184 -15.73 -11.60 -33.40
CA SER A 184 -15.40 -12.78 -34.18
C SER A 184 -13.95 -12.77 -34.59
N PRO A 185 -13.17 -13.80 -34.18
CA PRO A 185 -11.81 -13.91 -34.67
C PRO A 185 -11.74 -14.18 -36.18
N TYR A 186 -12.80 -14.74 -36.74
CA TYR A 186 -12.94 -14.88 -38.19
C TYR A 186 -12.85 -13.51 -38.88
N LEU A 187 -13.73 -12.60 -38.47
CA LEU A 187 -13.76 -11.25 -39.02
C LEU A 187 -12.55 -10.46 -38.55
N GLY A 188 -12.22 -10.63 -37.26
CA GLY A 188 -11.14 -9.90 -36.60
C GLY A 188 -9.79 -10.15 -37.24
N PHE A 189 -9.46 -11.42 -37.46
CA PHE A 189 -8.17 -11.77 -38.05
C PHE A 189 -8.06 -11.47 -39.53
N ILE A 190 -9.21 -11.43 -40.21
CA ILE A 190 -9.29 -10.94 -41.59
C ILE A 190 -9.06 -9.42 -41.59
N TYR A 191 -9.68 -8.74 -40.63
CA TYR A 191 -9.47 -7.31 -40.46
C TYR A 191 -7.98 -7.03 -40.29
N THR A 192 -7.40 -7.54 -39.20
CA THR A 192 -5.97 -7.34 -38.93
C THR A 192 -5.11 -7.74 -40.12
N SER A 193 -5.45 -8.88 -40.76
CA SER A 193 -4.76 -9.32 -41.98
C SER A 193 -4.69 -8.22 -43.04
N PHE A 194 -5.84 -7.57 -43.25
CA PHE A 194 -5.98 -6.51 -44.24
C PHE A 194 -5.27 -5.24 -43.76
N GLN A 195 -5.53 -4.84 -42.51
CA GLN A 195 -4.95 -3.62 -41.95
C GLN A 195 -3.44 -3.62 -41.95
N GLU A 196 -2.85 -4.76 -41.57
CA GLU A 196 -1.40 -4.86 -41.45
C GLU A 196 -0.75 -4.72 -42.82
N ARG A 197 -1.41 -5.21 -43.85
CA ARG A 197 -0.91 -5.05 -45.20
C ARG A 197 -1.09 -3.61 -45.67
N ALA A 198 -2.21 -3.01 -45.26
CA ALA A 198 -2.53 -1.63 -45.62
C ALA A 198 -1.46 -0.65 -45.13
N THR A 199 -1.14 -0.70 -43.85
CA THR A 199 -0.06 0.10 -43.29
C THR A 199 1.29 -0.24 -43.97
N PHE A 200 1.54 -1.51 -44.22
CA PHE A 200 2.77 -1.91 -44.90
C PHE A 200 2.96 -1.18 -46.24
N ILE A 201 1.90 -1.10 -47.04
CA ILE A 201 1.95 -0.39 -48.32
C ILE A 201 2.15 1.11 -48.08
N SER A 202 1.44 1.64 -47.09
CA SER A 202 1.56 3.05 -46.71
C SER A 202 2.99 3.40 -46.38
N HIS A 203 3.53 2.66 -45.40
CA HIS A 203 4.86 2.91 -44.86
C HIS A 203 5.94 2.76 -45.93
N GLY A 204 5.84 1.71 -46.72
CA GLY A 204 6.73 1.52 -47.86
C GLY A 204 6.72 2.70 -48.82
N ASN A 205 5.57 3.37 -48.96
CA ASN A 205 5.46 4.50 -49.87
C ASN A 205 6.01 5.76 -49.25
N THR A 206 5.67 6.00 -47.98
CA THR A 206 6.25 7.11 -47.24
C THR A 206 7.78 6.93 -47.12
N ALA A 207 8.24 5.68 -47.10
CA ALA A 207 9.67 5.40 -47.19
C ALA A 207 10.19 5.82 -48.55
N ARG A 208 9.60 5.23 -49.59
CA ARG A 208 10.04 5.47 -50.96
C ARG A 208 9.96 6.96 -51.31
N GLN A 209 8.97 7.63 -50.72
CA GLN A 209 8.78 9.06 -50.98
C GLN A 209 9.76 9.93 -50.22
N ALA A 210 10.12 9.55 -48.99
CA ALA A 210 11.15 10.26 -48.22
C ALA A 210 12.50 10.13 -48.91
N LYS A 211 12.77 8.94 -49.46
CA LYS A 211 13.96 8.72 -50.28
C LYS A 211 14.04 9.84 -51.31
N GLU A 212 12.95 9.99 -52.07
CA GLU A 212 12.83 10.98 -53.14
C GLU A 212 13.05 12.43 -52.67
N HIS A 213 12.44 12.80 -51.55
CA HIS A 213 12.68 14.12 -50.96
C HIS A 213 14.09 14.27 -50.37
N GLY A 214 14.93 13.24 -50.58
CA GLY A 214 16.34 13.24 -50.18
C GLY A 214 16.60 13.12 -48.68
N ASP A 215 15.79 12.32 -47.98
CA ASP A 215 16.00 12.08 -46.56
C ASP A 215 16.05 10.60 -46.23
N ILE A 216 17.24 10.01 -46.33
CA ILE A 216 17.34 8.56 -46.15
C ILE A 216 17.10 8.12 -44.72
N LYS A 217 17.49 8.93 -43.74
CA LYS A 217 17.22 8.59 -42.35
C LYS A 217 15.72 8.50 -42.05
N LEU A 218 14.94 9.32 -42.73
CA LEU A 218 13.49 9.22 -42.62
C LEU A 218 12.98 8.01 -43.41
N ALA A 219 13.66 7.68 -44.50
CA ALA A 219 13.27 6.51 -45.24
C ALA A 219 13.44 5.27 -44.38
N GLN A 220 14.53 5.26 -43.60
CA GLN A 220 14.88 4.12 -42.74
C GLN A 220 13.81 3.91 -41.68
N ILE A 221 13.37 5.01 -41.06
CA ILE A 221 12.28 4.97 -40.10
C ILE A 221 11.06 4.26 -40.69
N CYS A 222 10.50 4.80 -41.78
CA CYS A 222 9.36 4.19 -42.41
C CYS A 222 9.67 2.76 -42.84
N GLY A 223 10.88 2.58 -43.36
CA GLY A 223 11.37 1.29 -43.78
C GLY A 223 11.24 0.24 -42.71
N THR A 224 11.83 0.48 -41.53
CA THR A 224 11.92 -0.59 -40.55
C THR A 224 10.62 -0.80 -39.80
N ILE A 225 9.72 0.18 -39.83
CA ILE A 225 8.38 -0.05 -39.34
C ILE A 225 7.68 -1.03 -40.27
N ALA A 226 7.68 -0.71 -41.57
CA ALA A 226 7.13 -1.60 -42.59
C ALA A 226 7.56 -3.06 -42.39
N ALA A 227 8.83 -3.26 -42.07
CA ALA A 227 9.35 -4.58 -41.74
C ALA A 227 8.48 -5.30 -40.70
N ASP A 228 8.17 -4.62 -39.60
CA ASP A 228 7.35 -5.19 -38.54
C ASP A 228 5.98 -5.58 -39.09
N GLU A 229 5.44 -4.74 -39.97
CA GLU A 229 4.10 -4.96 -40.53
C GLU A 229 4.10 -6.18 -41.46
N LYS A 230 5.10 -6.29 -42.32
CA LYS A 230 5.25 -7.47 -43.17
C LYS A 230 5.20 -8.77 -42.37
N ARG A 231 5.87 -8.77 -41.21
CA ARG A 231 5.92 -9.95 -40.34
C ARG A 231 4.58 -10.22 -39.69
N HIS A 232 3.95 -9.18 -39.16
CA HIS A 232 2.65 -9.30 -38.53
C HIS A 232 1.63 -9.79 -39.56
N GLU A 233 1.71 -9.27 -40.78
CA GLU A 233 0.80 -9.63 -41.84
C GLU A 233 0.92 -11.12 -42.19
N THR A 234 2.16 -11.60 -42.23
CA THR A 234 2.44 -13.03 -42.48
C THR A 234 1.77 -13.88 -41.40
N ALA A 235 1.95 -13.48 -40.14
CA ALA A 235 1.34 -14.20 -39.02
C ALA A 235 -0.18 -14.28 -39.15
N TYR A 236 -0.82 -13.15 -39.45
CA TYR A 236 -2.28 -13.10 -39.58
C TYR A 236 -2.81 -13.83 -40.83
N THR A 237 -2.10 -13.68 -41.96
CA THR A 237 -2.45 -14.41 -43.19
C THR A 237 -2.23 -15.91 -43.05
N LYS A 238 -1.45 -16.31 -42.05
CA LYS A 238 -1.32 -17.72 -41.72
C LYS A 238 -2.52 -18.19 -40.90
N ILE A 239 -3.00 -17.34 -39.98
CA ILE A 239 -4.17 -17.71 -39.16
C ILE A 239 -5.44 -17.83 -40.01
N VAL A 240 -5.56 -17.01 -41.05
CA VAL A 240 -6.69 -17.12 -41.98
C VAL A 240 -6.56 -18.39 -42.87
N GLU A 241 -5.34 -18.66 -43.32
CA GLU A 241 -5.04 -19.86 -44.11
C GLU A 241 -5.46 -21.13 -43.35
N LYS A 242 -5.18 -21.17 -42.05
CA LYS A 242 -5.55 -22.30 -41.20
C LYS A 242 -7.08 -22.39 -41.02
N LEU A 243 -7.74 -21.25 -41.07
CA LEU A 243 -9.20 -21.21 -40.96
C LEU A 243 -9.93 -21.56 -42.27
N PHE A 244 -9.28 -21.28 -43.40
CA PHE A 244 -9.75 -21.73 -44.71
C PHE A 244 -9.68 -23.26 -44.87
N GLU A 245 -8.75 -23.89 -44.16
CA GLU A 245 -8.57 -25.34 -44.21
C GLU A 245 -9.50 -26.07 -43.25
N ILE A 246 -9.64 -25.52 -42.04
CA ILE A 246 -10.47 -26.13 -41.00
C ILE A 246 -11.97 -25.87 -41.19
N ASP A 247 -12.30 -24.68 -41.69
CA ASP A 247 -13.69 -24.28 -41.90
C ASP A 247 -13.81 -23.47 -43.19
N PRO A 248 -13.71 -24.15 -44.35
CA PRO A 248 -13.71 -23.46 -45.66
C PRO A 248 -14.89 -22.52 -45.84
N ASP A 249 -16.09 -22.98 -45.46
CA ASP A 249 -17.33 -22.23 -45.61
C ASP A 249 -17.39 -20.98 -44.71
N GLY A 250 -17.18 -21.17 -43.41
CA GLY A 250 -17.30 -20.10 -42.42
C GLY A 250 -16.34 -18.94 -42.63
N THR A 251 -15.13 -19.29 -43.07
CA THR A 251 -14.08 -18.31 -43.38
C THR A 251 -14.48 -17.48 -44.60
N VAL A 252 -14.99 -18.13 -45.64
CA VAL A 252 -15.53 -17.45 -46.82
C VAL A 252 -16.70 -16.53 -46.43
N LEU A 253 -17.52 -16.97 -45.48
CA LEU A 253 -18.63 -16.17 -44.97
C LEU A 253 -18.15 -14.94 -44.22
N ALA A 254 -17.07 -15.10 -43.45
CA ALA A 254 -16.44 -13.98 -42.75
C ALA A 254 -15.81 -13.01 -43.73
N PHE A 255 -15.04 -13.55 -44.68
CA PHE A 255 -14.34 -12.76 -45.71
C PHE A 255 -15.31 -11.95 -46.59
N ALA A 256 -16.44 -12.56 -46.97
CA ALA A 256 -17.49 -11.84 -47.69
C ALA A 256 -18.15 -10.74 -46.83
N ASP A 257 -18.49 -11.10 -45.59
CA ASP A 257 -19.12 -10.17 -44.64
C ASP A 257 -18.31 -8.88 -44.42
N MET A 258 -17.00 -9.02 -44.26
CA MET A 258 -16.13 -7.87 -44.07
C MET A 258 -16.08 -6.97 -45.30
N MET A 259 -16.14 -7.58 -46.48
CA MET A 259 -16.05 -6.82 -47.73
C MET A 259 -17.31 -6.01 -48.03
N ARG A 260 -18.47 -6.53 -47.64
CA ARG A 260 -19.73 -5.81 -47.84
C ARG A 260 -19.88 -4.61 -46.92
N LYS A 261 -19.43 -4.76 -45.66
CA LYS A 261 -19.44 -3.67 -44.70
C LYS A 261 -18.37 -2.63 -45.00
N LYS A 262 -17.40 -3.01 -45.84
CA LYS A 262 -16.16 -2.24 -46.07
C LYS A 262 -15.33 -2.14 -44.80
N ILE A 263 -14.01 -2.22 -44.98
CA ILE A 263 -13.07 -2.18 -43.86
C ILE A 263 -12.91 -0.75 -43.35
N SER A 264 -13.60 -0.41 -42.26
CA SER A 264 -13.46 0.92 -41.65
C SER A 264 -12.15 1.06 -40.88
N MET A 265 -11.25 1.88 -41.43
CA MET A 265 -9.89 2.10 -40.89
C MET A 265 -9.82 2.42 -39.39
N PRO A 266 -8.71 2.03 -38.73
CA PRO A 266 -8.67 2.08 -37.27
C PRO A 266 -8.64 3.49 -36.70
N ALA A 267 -8.42 4.48 -37.55
CA ALA A 267 -8.31 5.85 -37.08
C ALA A 267 -9.37 6.78 -37.67
N HIS A 268 -10.59 6.29 -37.86
CA HIS A 268 -11.58 7.08 -38.61
C HIS A 268 -12.33 8.11 -37.77
N LEU A 269 -12.35 7.91 -36.45
CA LEU A 269 -13.03 8.82 -35.54
C LEU A 269 -12.15 10.03 -35.18
N MET A 270 -11.12 10.21 -36.00
CA MET A 270 -10.07 11.22 -35.86
C MET A 270 -10.65 12.62 -35.79
N TYR A 271 -10.19 13.40 -34.82
CA TYR A 271 -10.74 14.73 -34.59
C TYR A 271 -9.71 15.59 -33.86
N ASP A 272 -9.50 16.82 -34.35
CA ASP A 272 -8.52 17.73 -33.78
C ASP A 272 -9.18 18.92 -33.06
N GLY A 273 -10.45 18.74 -32.68
CA GLY A 273 -11.23 19.82 -32.09
C GLY A 273 -11.65 20.86 -33.11
N ARG A 274 -11.29 20.65 -34.38
CA ARG A 274 -11.47 21.67 -35.41
C ARG A 274 -12.03 21.25 -36.75
N ASP A 275 -11.69 20.04 -37.20
CA ASP A 275 -12.18 19.54 -38.47
C ASP A 275 -13.16 18.38 -38.24
N ASP A 276 -14.44 18.61 -38.49
CA ASP A 276 -15.47 17.58 -38.32
C ASP A 276 -15.27 16.39 -39.26
N ASN A 277 -14.64 16.61 -40.41
CA ASN A 277 -14.31 15.54 -41.34
C ASN A 277 -12.81 15.33 -41.48
N LEU A 278 -12.10 15.31 -40.37
CA LEU A 278 -10.63 15.20 -40.38
C LEU A 278 -10.12 13.97 -41.14
N PHE A 279 -10.63 12.80 -40.78
CA PHE A 279 -10.23 11.53 -41.41
C PHE A 279 -10.38 11.52 -42.93
N ASP A 280 -11.49 12.07 -43.42
CA ASP A 280 -11.73 12.18 -44.86
C ASP A 280 -10.68 13.01 -45.56
N HIS A 281 -10.31 14.13 -44.92
CA HIS A 281 -9.32 15.04 -45.49
C HIS A 281 -7.91 14.47 -45.46
N PHE A 282 -7.55 13.90 -44.31
CA PHE A 282 -6.30 13.16 -44.18
C PHE A 282 -6.21 12.09 -45.27
N SER A 283 -7.25 11.27 -45.40
CA SER A 283 -7.28 10.20 -46.40
C SER A 283 -7.12 10.73 -47.81
N ALA A 284 -7.76 11.87 -48.10
CA ALA A 284 -7.65 12.52 -49.40
C ALA A 284 -6.20 12.90 -49.74
N VAL A 285 -5.43 13.32 -48.73
CA VAL A 285 -4.03 13.67 -48.97
C VAL A 285 -3.19 12.42 -49.16
N ALA A 286 -3.49 11.37 -48.38
CA ALA A 286 -2.87 10.06 -48.60
C ALA A 286 -3.09 9.59 -50.03
N GLN A 287 -4.28 9.88 -50.57
CA GLN A 287 -4.68 9.47 -51.92
C GLN A 287 -3.90 10.20 -53.01
N ARG A 288 -3.90 11.53 -52.96
CA ARG A 288 -3.28 12.36 -53.99
C ARG A 288 -1.80 12.03 -54.12
N LEU A 289 -1.17 11.73 -52.99
CA LEU A 289 0.27 11.49 -52.98
C LEU A 289 0.61 10.06 -53.37
N GLY A 290 -0.35 9.17 -53.18
CA GLY A 290 -0.15 7.77 -53.52
C GLY A 290 0.44 6.96 -52.40
N VAL A 291 0.25 7.43 -51.17
CA VAL A 291 0.71 6.67 -50.01
C VAL A 291 -0.23 5.50 -49.80
N TYR A 292 -1.53 5.76 -49.90
CA TYR A 292 -2.55 4.72 -49.85
C TYR A 292 -3.75 5.15 -50.70
N THR A 293 -3.84 4.56 -51.89
CA THR A 293 -4.89 4.87 -52.85
C THR A 293 -5.98 3.82 -52.77
N ALA A 294 -7.08 4.05 -53.48
CA ALA A 294 -8.17 3.08 -53.56
C ALA A 294 -7.73 1.86 -54.38
N LYS A 295 -6.85 2.08 -55.35
CA LYS A 295 -6.16 1.00 -56.07
C LYS A 295 -5.52 0.02 -55.09
N ASP A 296 -4.73 0.58 -54.18
CA ASP A 296 -4.01 -0.21 -53.19
C ASP A 296 -5.01 -1.08 -52.41
N TYR A 297 -6.11 -0.48 -51.97
CA TYR A 297 -7.21 -1.21 -51.33
C TYR A 297 -7.60 -2.45 -52.15
N ALA A 298 -7.87 -2.25 -53.43
CA ALA A 298 -8.25 -3.33 -54.33
C ALA A 298 -7.11 -4.31 -54.52
N ASP A 299 -5.89 -3.78 -54.65
CA ASP A 299 -4.72 -4.61 -54.88
C ASP A 299 -4.50 -5.57 -53.72
N ILE A 300 -4.73 -5.06 -52.50
CA ILE A 300 -4.63 -5.87 -51.29
C ILE A 300 -5.62 -7.02 -51.36
N LEU A 301 -6.86 -6.69 -51.66
CA LEU A 301 -7.88 -7.70 -51.79
C LEU A 301 -7.51 -8.80 -52.80
N GLU A 302 -7.11 -8.38 -54.00
CA GLU A 302 -6.69 -9.30 -55.07
C GLU A 302 -5.53 -10.19 -54.64
N PHE A 303 -4.62 -9.62 -53.85
CA PHE A 303 -3.50 -10.36 -53.27
C PHE A 303 -3.97 -11.41 -52.27
N LEU A 304 -4.99 -11.07 -51.47
CA LEU A 304 -5.50 -11.97 -50.44
C LEU A 304 -6.29 -13.12 -51.04
N VAL A 305 -6.99 -12.85 -52.14
CA VAL A 305 -7.69 -13.89 -52.90
C VAL A 305 -6.65 -14.86 -53.47
N GLY A 306 -5.53 -14.32 -53.94
CA GLY A 306 -4.42 -15.11 -54.47
C GLY A 306 -3.66 -15.84 -53.37
N ARG A 307 -3.48 -15.15 -52.24
CA ARG A 307 -2.78 -15.70 -51.08
C ARG A 307 -3.53 -16.85 -50.43
N TRP A 308 -4.85 -16.78 -50.40
CA TRP A 308 -5.65 -17.81 -49.75
C TRP A 308 -6.23 -18.80 -50.75
N LYS A 309 -5.96 -18.57 -52.03
CA LYS A 309 -6.44 -19.41 -53.14
C LYS A 309 -7.96 -19.60 -53.12
N VAL A 310 -8.66 -18.52 -52.78
CA VAL A 310 -10.13 -18.50 -52.69
C VAL A 310 -10.73 -18.90 -54.03
N ASP A 311 -10.05 -18.51 -55.10
CA ASP A 311 -10.34 -18.93 -56.46
C ASP A 311 -10.59 -20.45 -56.59
N LYS A 312 -9.84 -21.23 -55.81
CA LYS A 312 -9.99 -22.68 -55.81
C LYS A 312 -10.26 -23.26 -54.42
N LEU A 313 -11.54 -23.48 -54.12
CA LEU A 313 -12.00 -24.12 -52.89
C LEU A 313 -13.23 -24.96 -53.19
N THR A 314 -13.26 -26.19 -52.68
CA THR A 314 -14.43 -27.07 -52.89
C THR A 314 -15.20 -27.32 -51.59
N GLY A 315 -16.47 -27.66 -51.75
CA GLY A 315 -17.34 -28.01 -50.62
C GLY A 315 -18.06 -26.82 -50.01
N LEU A 316 -18.61 -25.95 -50.87
CA LEU A 316 -19.20 -24.70 -50.40
C LEU A 316 -20.73 -24.70 -50.45
N SER A 317 -21.33 -24.13 -49.40
CA SER A 317 -22.79 -24.01 -49.32
C SER A 317 -23.34 -22.98 -50.32
N ALA A 318 -24.65 -23.03 -50.54
CA ALA A 318 -25.35 -22.12 -51.45
C ALA A 318 -24.93 -20.66 -51.25
N GLU A 319 -24.85 -20.23 -50.00
CA GLU A 319 -24.43 -18.88 -49.61
C GLU A 319 -22.93 -18.71 -49.76
N GLY A 320 -22.19 -19.80 -49.52
CA GLY A 320 -20.74 -19.82 -49.60
C GLY A 320 -20.19 -19.60 -51.00
N GLN A 321 -20.82 -20.23 -51.99
CA GLN A 321 -20.46 -20.03 -53.39
C GLN A 321 -20.71 -18.59 -53.83
N LYS A 322 -21.83 -18.03 -53.35
CA LYS A 322 -22.18 -16.63 -53.58
C LYS A 322 -21.18 -15.73 -52.85
N ALA A 323 -20.81 -16.11 -51.63
CA ALA A 323 -19.83 -15.38 -50.83
C ALA A 323 -18.43 -15.44 -51.43
N GLN A 324 -18.12 -16.53 -52.13
CA GLN A 324 -16.83 -16.70 -52.81
C GLN A 324 -16.74 -15.84 -54.07
N ASP A 325 -17.64 -16.10 -55.03
CA ASP A 325 -17.68 -15.40 -56.32
C ASP A 325 -17.66 -13.87 -56.16
N TYR A 326 -18.54 -13.36 -55.29
CA TYR A 326 -18.59 -11.93 -55.01
C TYR A 326 -17.20 -11.40 -54.65
N VAL A 327 -16.57 -12.06 -53.68
CA VAL A 327 -15.24 -11.68 -53.20
C VAL A 327 -14.20 -11.73 -54.34
N CYS A 328 -14.26 -12.79 -55.15
CA CYS A 328 -13.29 -13.00 -56.22
C CYS A 328 -13.41 -12.00 -57.37
N ARG A 329 -14.64 -11.63 -57.72
CA ARG A 329 -14.89 -10.64 -58.78
C ARG A 329 -14.77 -9.18 -58.29
N LEU A 330 -14.61 -8.99 -56.98
CA LEU A 330 -14.61 -7.65 -56.37
C LEU A 330 -13.38 -6.76 -56.72
N PRO A 331 -12.17 -7.34 -56.76
CA PRO A 331 -10.97 -6.54 -57.06
C PRO A 331 -10.98 -5.82 -58.43
N PRO A 332 -11.26 -6.53 -59.54
CA PRO A 332 -11.35 -5.79 -60.80
C PRO A 332 -12.55 -4.85 -60.82
N ARG A 333 -13.57 -5.17 -60.04
CA ARG A 333 -14.77 -4.36 -59.90
C ARG A 333 -14.47 -3.04 -59.17
N ILE A 334 -13.91 -3.14 -57.96
CA ILE A 334 -13.53 -1.96 -57.19
C ILE A 334 -12.56 -1.05 -57.95
N ARG A 335 -11.59 -1.66 -58.62
CA ARG A 335 -10.53 -0.93 -59.34
C ARG A 335 -11.15 -0.06 -60.41
N ARG A 336 -12.13 -0.65 -61.06
CA ARG A 336 -12.82 -0.11 -62.20
C ARG A 336 -13.90 0.90 -61.79
N LEU A 337 -14.41 0.71 -60.58
CA LEU A 337 -15.29 1.67 -59.93
C LEU A 337 -14.51 2.95 -59.63
N GLU A 338 -13.33 2.78 -59.04
CA GLU A 338 -12.45 3.90 -58.71
C GLU A 338 -11.87 4.54 -59.96
N GLU A 339 -11.62 3.71 -60.97
CA GLU A 339 -11.02 4.10 -62.24
C GLU A 339 -11.71 5.31 -62.83
N ARG A 340 -12.99 5.14 -63.09
CA ARG A 340 -13.85 6.18 -63.64
C ARG A 340 -14.01 7.33 -62.65
N ALA A 341 -14.19 6.99 -61.37
CA ALA A 341 -14.32 8.01 -60.36
C ALA A 341 -13.08 8.89 -60.38
N GLN A 342 -11.92 8.27 -60.63
CA GLN A 342 -10.63 8.96 -60.73
C GLN A 342 -10.50 9.83 -61.99
N GLY A 343 -10.94 9.28 -63.13
CA GLY A 343 -10.93 10.00 -64.41
C GLY A 343 -12.12 10.93 -64.60
N ARG A 344 -12.78 11.27 -63.49
CA ARG A 344 -13.87 12.25 -63.47
C ARG A 344 -13.74 13.17 -62.26
N ALA A 345 -12.91 12.77 -61.30
CA ALA A 345 -12.60 13.60 -60.14
C ALA A 345 -12.12 14.97 -60.62
N LYS A 346 -12.64 16.01 -60.00
CA LYS A 346 -12.26 17.39 -60.35
C LYS A 346 -11.13 17.91 -59.45
N GLU A 347 -10.67 19.12 -59.73
CA GLU A 347 -9.61 19.73 -58.95
C GLU A 347 -10.10 19.88 -57.50
N ALA A 348 -9.29 19.41 -56.55
CA ALA A 348 -9.65 19.45 -55.14
C ALA A 348 -9.20 20.76 -54.48
N PRO A 349 -9.91 21.20 -53.43
CA PRO A 349 -9.54 22.48 -52.80
C PRO A 349 -8.32 22.34 -51.90
N THR A 350 -7.71 23.47 -51.59
CA THR A 350 -6.63 23.57 -50.63
C THR A 350 -7.26 23.78 -49.26
N MET A 351 -6.90 22.96 -48.28
CA MET A 351 -7.49 23.03 -46.96
C MET A 351 -6.44 23.14 -45.85
N PRO A 352 -6.70 23.95 -44.81
CA PRO A 352 -5.80 24.02 -43.65
C PRO A 352 -5.89 22.79 -42.73
N PHE A 353 -4.77 22.42 -42.11
CA PHE A 353 -4.73 21.33 -41.13
C PHE A 353 -4.14 21.85 -39.85
N SER A 354 -4.80 21.57 -38.72
CA SER A 354 -4.30 22.05 -37.44
C SER A 354 -3.00 21.37 -37.04
N TRP A 355 -2.71 20.24 -37.68
CA TRP A 355 -1.46 19.50 -37.47
C TRP A 355 -0.28 20.29 -38.01
N ILE A 356 -0.54 21.27 -38.89
CA ILE A 356 0.54 22.08 -39.41
C ILE A 356 0.30 23.59 -39.27
N PHE A 357 -0.25 23.96 -38.11
CA PHE A 357 -0.46 25.36 -37.72
C PHE A 357 -1.45 26.04 -38.67
N ASP A 358 -2.30 25.22 -39.29
CA ASP A 358 -3.29 25.65 -40.28
C ASP A 358 -2.70 26.18 -41.59
N ARG A 359 -1.46 25.82 -41.89
CA ARG A 359 -0.93 25.90 -43.25
C ARG A 359 -1.76 24.96 -44.13
N GLN A 360 -1.75 25.20 -45.44
CA GLN A 360 -2.71 24.52 -46.31
C GLN A 360 -2.12 23.60 -47.38
N VAL A 361 -2.68 22.41 -47.50
CA VAL A 361 -2.21 21.44 -48.49
C VAL A 361 -3.33 21.11 -49.46
N LYS A 362 -2.97 20.69 -50.67
CA LYS A 362 -3.98 20.40 -51.68
C LYS A 362 -4.60 19.03 -51.41
N LEU A 363 -5.94 19.00 -51.32
CA LEU A 363 -6.65 17.75 -51.05
C LEU A 363 -6.67 16.78 -52.24
N PHE B 18 17.57 -12.48 -22.53
CA PHE B 18 17.07 -13.86 -22.22
C PHE B 18 15.65 -13.81 -21.58
N MET B 19 15.26 -14.81 -20.76
CA MET B 19 13.87 -14.95 -20.24
C MET B 19 13.44 -13.98 -19.10
N PRO B 20 12.32 -13.25 -19.31
CA PRO B 20 11.86 -12.30 -18.28
C PRO B 20 11.18 -12.99 -17.08
N PRO B 21 10.90 -12.23 -15.99
CA PRO B 21 10.18 -12.79 -14.85
C PRO B 21 8.72 -13.08 -15.16
N ARG B 22 8.15 -14.04 -14.43
CA ARG B 22 6.75 -14.44 -14.60
C ARG B 22 6.05 -14.50 -13.27
N GLU B 23 4.75 -14.19 -13.27
CA GLU B 23 3.91 -14.26 -12.07
C GLU B 23 4.05 -15.63 -11.39
N VAL B 24 4.52 -15.62 -10.15
CA VAL B 24 4.76 -16.85 -9.38
C VAL B 24 3.47 -17.40 -8.74
N HIS B 25 2.47 -16.53 -8.56
CA HIS B 25 1.18 -16.92 -7.98
C HIS B 25 0.23 -17.53 -9.03
N VAL B 26 -0.48 -18.59 -8.61
CA VAL B 26 -1.48 -19.28 -9.46
C VAL B 26 -2.65 -18.37 -9.87
N GLN B 27 -2.99 -18.36 -11.17
CA GLN B 27 -4.00 -17.44 -11.73
C GLN B 27 -5.42 -17.78 -11.30
N VAL B 28 -6.21 -16.75 -10.98
CA VAL B 28 -7.63 -16.92 -10.59
C VAL B 28 -8.53 -15.99 -11.39
N THR B 29 -9.55 -16.54 -12.06
CA THR B 29 -10.49 -15.75 -12.85
C THR B 29 -11.93 -15.78 -12.29
N HIS B 30 -12.57 -14.61 -12.32
CA HIS B 30 -13.99 -14.44 -11.90
C HIS B 30 -14.28 -14.90 -10.47
N SER B 31 -13.76 -14.18 -9.49
CA SER B 31 -13.99 -14.50 -8.08
C SER B 31 -15.28 -13.87 -7.56
N MET B 32 -15.93 -13.10 -8.43
CA MET B 32 -17.18 -12.42 -8.08
C MET B 32 -18.41 -13.25 -8.50
N PRO B 33 -19.45 -13.31 -7.62
CA PRO B 33 -20.73 -13.90 -8.05
C PRO B 33 -21.34 -13.07 -9.20
N PRO B 34 -21.72 -13.73 -10.31
CA PRO B 34 -22.14 -13.09 -11.56
C PRO B 34 -23.43 -12.27 -11.50
N GLN B 35 -24.29 -12.58 -10.55
CA GLN B 35 -25.60 -11.93 -10.42
C GLN B 35 -25.46 -10.45 -10.16
N LYS B 36 -24.43 -10.11 -9.38
CA LYS B 36 -24.12 -8.77 -8.88
C LYS B 36 -23.56 -7.86 -9.95
N ILE B 37 -23.31 -8.40 -11.13
CA ILE B 37 -22.73 -7.64 -12.22
C ILE B 37 -23.68 -6.48 -12.48
N GLU B 38 -24.97 -6.71 -12.27
CA GLU B 38 -25.97 -5.67 -12.48
C GLU B 38 -25.70 -4.49 -11.54
N ILE B 39 -25.32 -4.76 -10.29
CA ILE B 39 -24.97 -3.65 -9.38
C ILE B 39 -24.05 -2.65 -10.07
N PHE B 40 -23.31 -3.12 -11.07
CA PHE B 40 -22.46 -2.23 -11.87
C PHE B 40 -23.10 -1.83 -13.20
N LYS B 41 -24.07 -2.62 -13.65
CA LYS B 41 -24.85 -2.27 -14.83
C LYS B 41 -25.88 -1.17 -14.49
N SER B 42 -26.45 -1.24 -13.29
CA SER B 42 -27.40 -0.23 -12.80
C SER B 42 -26.76 1.09 -12.41
N LEU B 43 -25.55 1.03 -11.85
CA LEU B 43 -24.86 2.23 -11.39
C LEU B 43 -24.37 3.11 -12.54
N ASP B 44 -24.79 2.76 -13.77
CA ASP B 44 -24.49 3.51 -15.00
C ASP B 44 -24.83 5.02 -14.85
N ASN B 45 -26.05 5.30 -14.40
CA ASN B 45 -26.50 6.66 -14.18
C ASN B 45 -25.65 7.37 -13.12
N TRP B 46 -25.49 6.72 -11.96
CA TRP B 46 -24.65 7.23 -10.87
C TRP B 46 -23.28 7.62 -11.37
N ALA B 47 -22.65 6.70 -12.10
CA ALA B 47 -21.34 6.93 -12.70
C ALA B 47 -21.25 8.23 -13.53
N GLU B 48 -22.28 8.49 -14.34
CA GLU B 48 -22.30 9.71 -15.15
C GLU B 48 -22.35 10.97 -14.28
N GLU B 49 -23.11 10.90 -13.19
CA GLU B 49 -23.24 12.03 -12.27
C GLU B 49 -22.07 12.18 -11.29
N ASN B 50 -21.31 11.11 -11.07
CA ASN B 50 -20.35 11.08 -9.97
C ASN B 50 -18.93 10.66 -10.27
N ILE B 51 -18.72 10.10 -11.45
CA ILE B 51 -17.37 9.72 -11.91
C ILE B 51 -16.94 10.52 -13.14
N LEU B 52 -17.83 10.61 -14.14
CA LEU B 52 -17.55 11.35 -15.38
C LEU B 52 -17.31 12.86 -15.15
N VAL B 53 -17.85 13.40 -14.05
CA VAL B 53 -17.54 14.77 -13.66
C VAL B 53 -16.04 14.99 -13.40
N HIS B 54 -15.37 13.97 -12.86
CA HIS B 54 -13.92 14.05 -12.56
C HIS B 54 -13.03 14.01 -13.81
N LEU B 55 -13.65 13.98 -14.99
CA LEU B 55 -12.92 14.06 -16.25
C LEU B 55 -12.79 15.50 -16.73
N LYS B 56 -11.59 15.87 -17.15
CA LYS B 56 -11.40 17.17 -17.82
C LYS B 56 -11.84 17.03 -19.26
N PRO B 57 -12.66 17.98 -19.75
CA PRO B 57 -12.87 18.05 -21.20
C PRO B 57 -11.51 18.13 -21.91
N VAL B 58 -11.40 17.51 -23.07
CA VAL B 58 -10.13 17.43 -23.80
C VAL B 58 -9.52 18.81 -24.14
N GLU B 59 -10.36 19.74 -24.60
CA GLU B 59 -9.92 21.10 -24.91
C GLU B 59 -9.29 21.82 -23.73
N LYS B 60 -9.68 21.45 -22.51
CA LYS B 60 -9.18 22.11 -21.30
C LYS B 60 -7.91 21.44 -20.78
N CYS B 61 -7.63 20.23 -21.27
CA CYS B 61 -6.46 19.46 -20.85
C CYS B 61 -5.12 19.99 -21.33
N TRP B 62 -4.12 19.91 -20.47
CA TRP B 62 -2.74 20.12 -20.86
C TRP B 62 -2.27 19.00 -21.75
N GLN B 63 -1.26 19.30 -22.55
CA GLN B 63 -0.65 18.33 -23.42
C GLN B 63 0.86 18.33 -23.18
N PRO B 64 1.54 17.21 -23.51
CA PRO B 64 2.96 17.14 -23.21
C PRO B 64 3.74 18.31 -23.77
N GLN B 65 3.30 18.84 -24.90
CA GLN B 65 4.03 19.94 -25.52
C GLN B 65 4.05 21.16 -24.64
N ASP B 66 3.06 21.31 -23.77
CA ASP B 66 3.03 22.45 -22.87
C ASP B 66 4.22 22.50 -21.93
N PHE B 67 5.01 21.44 -21.86
CA PHE B 67 6.03 21.30 -20.82
C PHE B 67 7.39 20.91 -21.37
N LEU B 68 7.51 20.96 -22.68
CA LEU B 68 8.72 20.53 -23.37
C LEU B 68 9.18 21.66 -24.27
N PRO B 69 10.46 21.65 -24.67
CA PRO B 69 10.91 22.62 -25.65
C PRO B 69 10.04 22.62 -26.90
N ASP B 70 9.82 23.80 -27.45
CA ASP B 70 8.92 24.01 -28.56
C ASP B 70 9.66 23.92 -29.89
N PRO B 71 9.51 22.79 -30.60
CA PRO B 71 10.33 22.55 -31.77
C PRO B 71 10.03 23.53 -32.91
N ALA B 72 8.90 24.22 -32.83
CA ALA B 72 8.54 25.14 -33.89
C ALA B 72 8.78 26.56 -33.41
N SER B 73 9.72 26.72 -32.49
CA SER B 73 10.04 28.01 -31.90
C SER B 73 11.47 28.38 -32.17
N ASP B 74 11.71 29.63 -32.51
CA ASP B 74 13.07 30.14 -32.54
C ASP B 74 13.87 29.83 -31.27
N GLY B 75 13.18 29.48 -30.19
CA GLY B 75 13.86 29.22 -28.91
C GLY B 75 14.15 27.76 -28.64
N PHE B 76 13.89 26.91 -29.62
CA PHE B 76 13.99 25.47 -29.40
C PHE B 76 15.40 25.07 -28.98
N ASP B 77 16.40 25.50 -29.76
CA ASP B 77 17.78 25.17 -29.45
C ASP B 77 18.16 25.54 -28.02
N GLU B 78 17.96 26.80 -27.63
CA GLU B 78 18.36 27.19 -26.29
C GLU B 78 17.55 26.48 -25.23
N GLN B 79 16.27 26.27 -25.48
CA GLN B 79 15.44 25.46 -24.60
C GLN B 79 16.01 24.07 -24.33
N VAL B 80 16.36 23.35 -25.38
CA VAL B 80 16.92 22.01 -25.24
C VAL B 80 18.25 22.08 -24.52
N ARG B 81 19.12 22.99 -24.98
CA ARG B 81 20.40 23.22 -24.32
C ARG B 81 20.22 23.43 -22.79
N GLU B 82 19.26 24.25 -22.40
CA GLU B 82 18.94 24.44 -20.99
C GLU B 82 18.44 23.20 -20.27
N LEU B 83 17.43 22.54 -20.81
CA LEU B 83 16.94 21.29 -20.24
C LEU B 83 18.09 20.34 -19.88
N ARG B 84 19.12 20.35 -20.73
CA ARG B 84 20.22 19.42 -20.64
C ARG B 84 21.22 19.86 -19.60
N GLU B 85 21.52 21.16 -19.55
CA GLU B 85 22.37 21.75 -18.53
C GLU B 85 21.79 21.43 -17.17
N ARG B 86 20.52 21.77 -16.99
CA ARG B 86 19.79 21.43 -15.78
C ARG B 86 19.92 19.97 -15.41
N ALA B 87 19.81 19.10 -16.41
CA ALA B 87 19.77 17.65 -16.16
C ALA B 87 21.04 17.15 -15.49
N LYS B 88 22.19 17.74 -15.84
CA LYS B 88 23.48 17.33 -15.31
C LYS B 88 23.49 17.41 -13.79
N GLU B 89 22.85 18.45 -13.26
CA GLU B 89 22.74 18.69 -11.83
C GLU B 89 21.79 17.71 -11.13
N ILE B 90 21.04 16.94 -11.90
CA ILE B 90 20.18 15.91 -11.31
C ILE B 90 21.00 14.62 -11.22
N PRO B 91 21.09 14.02 -10.02
CA PRO B 91 21.96 12.86 -9.86
C PRO B 91 21.35 11.59 -10.43
N ASP B 92 22.22 10.62 -10.77
CA ASP B 92 21.78 9.36 -11.38
C ASP B 92 20.67 8.65 -10.63
N ASP B 93 20.77 8.54 -9.30
CA ASP B 93 19.75 7.79 -8.52
C ASP B 93 18.34 8.30 -8.81
N TYR B 94 18.18 9.63 -8.82
CA TYR B 94 16.92 10.25 -9.18
C TYR B 94 16.51 9.77 -10.56
N PHE B 95 17.43 9.80 -11.51
CA PHE B 95 17.09 9.39 -12.85
C PHE B 95 16.60 7.96 -12.91
N VAL B 96 17.23 7.06 -12.14
CA VAL B 96 16.77 5.67 -12.07
C VAL B 96 15.29 5.58 -11.65
N VAL B 97 14.93 6.29 -10.59
CA VAL B 97 13.54 6.35 -10.15
C VAL B 97 12.62 6.92 -11.23
N LEU B 98 12.97 8.10 -11.74
CA LEU B 98 12.20 8.75 -12.78
C LEU B 98 11.99 7.82 -13.97
N VAL B 99 13.06 7.15 -14.39
CA VAL B 99 13.00 6.16 -15.46
C VAL B 99 12.01 5.02 -15.16
N GLY B 100 12.09 4.46 -13.96
CA GLY B 100 11.19 3.38 -13.56
C GLY B 100 9.77 3.85 -13.73
N ASP B 101 9.53 5.04 -13.20
CA ASP B 101 8.26 5.74 -13.26
C ASP B 101 7.73 5.75 -14.66
N MET B 102 8.55 6.30 -15.55
CA MET B 102 8.20 6.47 -16.93
C MET B 102 7.89 5.13 -17.57
N ILE B 103 8.77 4.15 -17.34
CA ILE B 103 8.52 2.80 -17.87
C ILE B 103 7.16 2.25 -17.42
N THR B 104 6.86 2.38 -16.12
CA THR B 104 5.55 2.04 -15.59
C THR B 104 4.47 2.73 -16.39
N GLU B 105 4.56 4.06 -16.48
CA GLU B 105 3.58 4.87 -17.20
C GLU B 105 3.45 4.47 -18.66
N GLU B 106 4.52 3.98 -19.25
CA GLU B 106 4.55 3.71 -20.68
C GLU B 106 3.85 2.41 -21.05
N ALA B 107 3.74 1.53 -20.07
CA ALA B 107 3.12 0.23 -20.27
C ALA B 107 1.59 0.38 -20.21
N LEU B 108 1.11 1.55 -20.62
CA LEU B 108 -0.30 1.89 -20.51
C LEU B 108 -1.26 0.87 -21.15
N PRO B 109 -0.91 0.34 -22.34
CA PRO B 109 -1.85 -0.55 -23.02
C PRO B 109 -2.24 -1.74 -22.15
N THR B 110 -1.30 -2.18 -21.32
CA THR B 110 -1.59 -3.13 -20.26
C THR B 110 -2.77 -2.66 -19.39
N TYR B 111 -2.70 -1.43 -18.87
CA TYR B 111 -3.68 -0.95 -17.91
C TYR B 111 -5.07 -0.71 -18.49
N GLN B 112 -5.18 -0.44 -19.78
CA GLN B 112 -6.51 -0.34 -20.35
C GLN B 112 -7.05 -1.74 -20.46
N THR B 113 -6.22 -2.66 -20.96
CA THR B 113 -6.62 -4.07 -20.98
C THR B 113 -7.05 -4.52 -19.59
N MET B 114 -6.28 -4.16 -18.57
CA MET B 114 -6.56 -4.57 -17.19
C MET B 114 -7.94 -4.11 -16.70
N LEU B 115 -8.36 -2.91 -17.08
CA LEU B 115 -9.69 -2.44 -16.73
C LEU B 115 -10.76 -3.13 -17.57
N ASN B 116 -10.39 -3.63 -18.75
CA ASN B 116 -11.33 -4.38 -19.57
C ASN B 116 -11.44 -5.88 -19.28
N THR B 117 -11.01 -6.27 -18.09
CA THR B 117 -11.21 -7.63 -17.61
C THR B 117 -12.16 -7.61 -16.42
N LEU B 118 -12.25 -6.44 -15.76
CA LEU B 118 -13.14 -6.22 -14.64
C LEU B 118 -14.60 -6.50 -15.02
N ASP B 119 -15.20 -7.47 -14.35
CA ASP B 119 -16.47 -8.08 -14.75
C ASP B 119 -17.64 -7.10 -14.87
N GLY B 120 -17.71 -6.15 -13.95
CA GLY B 120 -18.82 -5.22 -13.92
C GLY B 120 -18.74 -4.06 -14.90
N VAL B 121 -17.54 -3.76 -15.40
CA VAL B 121 -17.35 -2.53 -16.17
C VAL B 121 -16.88 -2.72 -17.62
N ARG B 122 -16.31 -3.87 -17.92
CA ARG B 122 -15.58 -4.06 -19.19
C ARG B 122 -16.26 -3.49 -20.43
N ASP B 123 -15.47 -2.80 -21.25
CA ASP B 123 -15.94 -2.29 -22.51
C ASP B 123 -16.14 -3.46 -23.47
N GLU B 124 -17.38 -3.64 -23.91
CA GLU B 124 -17.74 -4.80 -24.71
C GLU B 124 -17.29 -4.76 -26.19
N THR B 125 -16.99 -3.57 -26.70
CA THR B 125 -16.71 -3.43 -28.14
C THR B 125 -15.60 -2.45 -28.44
N GLY B 126 -15.15 -1.72 -27.42
CA GLY B 126 -14.12 -0.70 -27.58
C GLY B 126 -14.68 0.69 -27.83
N ALA B 127 -16.00 0.77 -28.02
CA ALA B 127 -16.72 2.02 -28.31
C ALA B 127 -18.11 2.02 -27.69
N SER B 128 -18.32 1.12 -26.74
CA SER B 128 -19.56 0.97 -25.98
C SER B 128 -19.90 2.27 -25.22
N PRO B 129 -21.16 2.75 -25.35
CA PRO B 129 -21.58 4.02 -24.76
C PRO B 129 -21.83 3.96 -23.26
N THR B 130 -21.44 2.86 -22.62
CA THR B 130 -21.62 2.75 -21.17
C THR B 130 -20.75 3.77 -20.43
N SER B 131 -21.31 4.32 -19.36
CA SER B 131 -20.60 5.28 -18.49
C SER B 131 -19.23 4.72 -18.11
N TRP B 132 -19.20 3.43 -17.76
CA TRP B 132 -17.99 2.72 -17.37
C TRP B 132 -16.95 2.66 -18.49
N ALA B 133 -17.40 2.35 -19.71
CA ALA B 133 -16.50 2.28 -20.84
C ALA B 133 -15.95 3.66 -21.18
N ILE B 134 -16.84 4.65 -21.19
CA ILE B 134 -16.44 6.02 -21.52
C ILE B 134 -15.38 6.49 -20.53
N TRP B 135 -15.59 6.20 -19.24
CA TRP B 135 -14.58 6.50 -18.23
C TRP B 135 -13.26 5.80 -18.54
N THR B 136 -13.33 4.51 -18.87
CA THR B 136 -12.13 3.74 -19.22
C THR B 136 -11.33 4.37 -20.40
N ARG B 137 -11.99 4.54 -21.54
CA ARG B 137 -11.37 5.15 -22.72
C ARG B 137 -10.79 6.53 -22.42
N ALA B 138 -11.51 7.31 -21.60
CA ALA B 138 -11.10 8.68 -21.30
C ALA B 138 -9.89 8.70 -20.38
N TRP B 139 -9.90 7.83 -19.38
CA TRP B 139 -8.82 7.73 -18.41
C TRP B 139 -7.56 7.30 -19.12
N THR B 140 -7.70 6.32 -20.01
CA THR B 140 -6.57 5.88 -20.81
C THR B 140 -5.98 7.04 -21.62
N ALA B 141 -6.84 7.80 -22.29
CA ALA B 141 -6.41 8.97 -23.07
C ALA B 141 -5.68 10.01 -22.22
N GLU B 142 -6.16 10.24 -21.00
CA GLU B 142 -5.48 11.15 -20.09
C GLU B 142 -4.10 10.61 -19.69
N GLU B 143 -4.00 9.29 -19.50
CA GLU B 143 -2.81 8.64 -18.99
C GLU B 143 -1.74 8.60 -20.07
N ASN B 144 -2.17 8.38 -21.29
CA ASN B 144 -1.27 8.44 -22.42
C ASN B 144 -0.36 9.67 -22.43
N ARG B 145 -0.81 10.76 -21.82
CA ARG B 145 -0.02 11.98 -21.81
C ARG B 145 1.16 11.81 -20.89
N HIS B 146 0.99 11.09 -19.78
CA HIS B 146 2.09 10.90 -18.81
C HIS B 146 3.29 10.21 -19.40
N GLY B 147 3.06 9.10 -20.10
CA GLY B 147 4.13 8.39 -20.79
C GLY B 147 4.89 9.32 -21.73
N ASP B 148 4.19 9.88 -22.71
CA ASP B 148 4.82 10.79 -23.67
C ASP B 148 5.66 11.89 -23.05
N LEU B 149 5.06 12.67 -22.17
CA LEU B 149 5.78 13.78 -21.57
C LEU B 149 7.08 13.29 -20.95
N LEU B 150 7.00 12.29 -20.07
CA LEU B 150 8.17 11.75 -19.43
C LEU B 150 9.18 11.18 -20.40
N ASN B 151 8.71 10.42 -21.38
CA ASN B 151 9.57 9.84 -22.39
C ASN B 151 10.45 10.91 -23.04
N LYS B 152 9.81 11.89 -23.65
CA LYS B 152 10.54 12.94 -24.35
C LYS B 152 11.42 13.74 -23.43
N TYR B 153 10.98 13.97 -22.19
CA TYR B 153 11.87 14.62 -21.24
C TYR B 153 13.13 13.80 -21.06
N LEU B 154 12.95 12.52 -20.75
CA LEU B 154 14.07 11.64 -20.53
C LEU B 154 14.96 11.60 -21.75
N TYR B 155 14.36 11.40 -22.92
CA TYR B 155 15.06 11.41 -24.21
C TYR B 155 15.94 12.65 -24.37
N LEU B 156 15.38 13.83 -24.19
CA LEU B 156 16.13 15.05 -24.43
C LEU B 156 17.24 15.23 -23.42
N SER B 157 17.03 14.70 -22.22
CA SER B 157 17.95 14.98 -21.14
C SER B 157 19.34 14.46 -21.44
N GLY B 158 19.42 13.31 -22.08
CA GLY B 158 20.70 12.73 -22.41
C GLY B 158 21.46 12.12 -21.24
N ARG B 159 20.75 11.86 -20.15
CA ARG B 159 21.33 11.26 -18.96
C ARG B 159 20.99 9.78 -18.84
N VAL B 160 20.03 9.31 -19.63
CA VAL B 160 19.61 7.92 -19.56
C VAL B 160 19.83 7.17 -20.88
N ASP B 161 19.70 5.86 -20.85
CA ASP B 161 19.94 5.03 -22.03
C ASP B 161 18.62 4.66 -22.70
N MET B 162 18.13 5.54 -23.58
CA MET B 162 16.81 5.36 -24.20
C MET B 162 16.61 3.98 -24.80
N ARG B 163 17.68 3.37 -25.31
CA ARG B 163 17.53 2.12 -25.98
C ARG B 163 17.21 1.01 -25.00
N GLN B 164 17.84 1.04 -23.84
CA GLN B 164 17.60 0.03 -22.83
C GLN B 164 16.28 0.28 -22.16
N ILE B 165 15.90 1.53 -22.05
CA ILE B 165 14.59 1.87 -21.52
C ILE B 165 13.52 1.35 -22.48
N GLU B 166 13.70 1.63 -23.77
CA GLU B 166 12.80 1.15 -24.81
C GLU B 166 12.64 -0.36 -24.82
N LYS B 167 13.72 -1.05 -24.52
CA LYS B 167 13.74 -2.50 -24.44
C LYS B 167 12.95 -2.99 -23.20
N THR B 168 13.14 -2.31 -22.07
CA THR B 168 12.47 -2.69 -20.84
C THR B 168 10.96 -2.59 -21.04
N ILE B 169 10.55 -1.49 -21.67
CA ILE B 169 9.16 -1.26 -22.02
C ILE B 169 8.61 -2.39 -22.87
N GLN B 170 9.37 -2.86 -23.85
CA GLN B 170 8.92 -3.98 -24.67
C GLN B 170 8.74 -5.25 -23.86
N TYR B 171 9.73 -5.54 -23.01
CA TYR B 171 9.66 -6.70 -22.12
C TYR B 171 8.45 -6.61 -21.19
N LEU B 172 8.18 -5.40 -20.68
CA LEU B 172 7.04 -5.15 -19.80
C LEU B 172 5.67 -5.31 -20.46
N ILE B 173 5.47 -4.68 -21.61
CA ILE B 173 4.19 -4.78 -22.32
C ILE B 173 3.90 -6.20 -22.70
N GLY B 174 4.93 -6.95 -23.08
CA GLY B 174 4.78 -8.36 -23.44
C GLY B 174 4.62 -9.29 -22.26
N SER B 175 5.06 -8.85 -21.08
CA SER B 175 4.92 -9.62 -19.84
C SER B 175 3.50 -9.50 -19.33
N GLY B 176 2.95 -8.30 -19.49
CA GLY B 176 1.66 -7.96 -18.93
C GLY B 176 1.79 -7.80 -17.44
N MET B 177 0.64 -7.93 -16.76
CA MET B 177 0.53 -7.86 -15.32
C MET B 177 -0.63 -8.74 -14.94
N ASP B 178 -0.61 -9.25 -13.71
CA ASP B 178 -1.76 -9.90 -13.07
C ASP B 178 -1.89 -9.33 -11.64
N PRO B 179 -2.67 -8.25 -11.50
CA PRO B 179 -2.76 -7.51 -10.24
C PRO B 179 -3.59 -8.27 -9.20
N ARG B 180 -3.98 -9.49 -9.57
CA ARG B 180 -4.73 -10.41 -8.72
C ARG B 180 -6.05 -9.78 -8.29
N THR B 181 -6.70 -9.13 -9.24
CA THR B 181 -7.99 -8.49 -9.02
C THR B 181 -9.11 -9.45 -9.32
N GLU B 182 -8.75 -10.57 -9.96
CA GLU B 182 -9.67 -11.70 -10.19
C GLU B 182 -10.97 -11.32 -10.93
N ASN B 183 -10.83 -10.34 -11.84
CA ASN B 183 -11.96 -9.75 -12.59
C ASN B 183 -13.03 -9.08 -11.73
N SER B 184 -12.72 -8.88 -10.45
CA SER B 184 -13.62 -8.25 -9.50
C SER B 184 -13.46 -6.74 -9.46
N PRO B 185 -14.53 -5.99 -9.78
CA PRO B 185 -14.42 -4.54 -9.66
C PRO B 185 -14.27 -4.10 -8.22
N TYR B 186 -14.72 -4.92 -7.28
CA TYR B 186 -14.48 -4.70 -5.85
C TYR B 186 -12.97 -4.58 -5.59
N LEU B 187 -12.23 -5.64 -5.96
CA LEU B 187 -10.78 -5.72 -5.77
C LEU B 187 -10.10 -4.74 -6.71
N GLY B 188 -10.59 -4.70 -7.95
CA GLY B 188 -10.00 -3.88 -9.00
C GLY B 188 -10.01 -2.40 -8.69
N PHE B 189 -11.16 -1.91 -8.23
CA PHE B 189 -11.30 -0.50 -7.94
C PHE B 189 -10.60 -0.09 -6.66
N ILE B 190 -10.44 -1.04 -5.74
CA ILE B 190 -9.61 -0.83 -4.55
C ILE B 190 -8.12 -0.75 -4.97
N TYR B 191 -7.75 -1.63 -5.89
CA TYR B 191 -6.40 -1.64 -6.45
C TYR B 191 -6.11 -0.28 -7.08
N THR B 192 -6.87 0.08 -8.12
CA THR B 192 -6.70 1.38 -8.78
C THR B 192 -6.75 2.53 -7.77
N SER B 193 -7.65 2.46 -6.79
CA SER B 193 -7.73 3.48 -5.73
C SER B 193 -6.39 3.67 -5.02
N PHE B 194 -5.78 2.53 -4.68
CA PHE B 194 -4.50 2.49 -3.97
C PHE B 194 -3.34 2.92 -4.89
N GLN B 195 -3.31 2.34 -6.10
CA GLN B 195 -2.27 2.65 -7.07
C GLN B 195 -2.22 4.14 -7.42
N GLU B 196 -3.40 4.72 -7.70
CA GLU B 196 -3.44 6.10 -8.14
C GLU B 196 -2.93 7.04 -7.07
N ARG B 197 -3.17 6.69 -5.81
CA ARG B 197 -2.61 7.48 -4.73
C ARG B 197 -1.11 7.23 -4.60
N ALA B 198 -0.70 6.00 -4.88
CA ALA B 198 0.70 5.61 -4.77
C ALA B 198 1.56 6.45 -5.72
N THR B 199 1.15 6.51 -7.00
CA THR B 199 1.86 7.31 -7.99
C THR B 199 1.79 8.78 -7.62
N PHE B 200 0.64 9.22 -7.12
CA PHE B 200 0.48 10.60 -6.68
C PHE B 200 1.54 11.02 -5.64
N ILE B 201 1.79 10.17 -4.65
CA ILE B 201 2.83 10.43 -3.64
C ILE B 201 4.23 10.42 -4.30
N SER B 202 4.46 9.44 -5.18
CA SER B 202 5.71 9.32 -5.90
C SER B 202 5.96 10.60 -6.66
N HIS B 203 5.00 10.97 -7.50
CA HIS B 203 5.17 12.09 -8.41
C HIS B 203 5.37 13.39 -7.65
N GLY B 204 4.57 13.60 -6.63
CA GLY B 204 4.74 14.73 -5.73
C GLY B 204 6.12 14.80 -5.09
N ASN B 205 6.77 13.66 -4.91
CA ASN B 205 8.12 13.62 -4.32
C ASN B 205 9.22 13.88 -5.33
N THR B 206 9.06 13.29 -6.50
CA THR B 206 9.97 13.56 -7.61
C THR B 206 9.83 15.02 -8.03
N ALA B 207 8.63 15.57 -7.86
CA ALA B 207 8.42 16.99 -8.07
C ALA B 207 9.23 17.77 -7.05
N ARG B 208 8.92 17.52 -5.77
CA ARG B 208 9.54 18.22 -4.66
C ARG B 208 11.07 18.05 -4.66
N GLN B 209 11.53 16.90 -5.15
CA GLN B 209 12.96 16.63 -5.22
C GLN B 209 13.65 17.31 -6.41
N ALA B 210 12.96 17.40 -7.55
CA ALA B 210 13.49 18.14 -8.71
C ALA B 210 13.59 19.64 -8.38
N LYS B 211 12.61 20.14 -7.63
CA LYS B 211 12.67 21.50 -7.11
C LYS B 211 14.03 21.67 -6.41
N GLU B 212 14.34 20.75 -5.49
CA GLU B 212 15.57 20.79 -4.69
C GLU B 212 16.84 20.75 -5.52
N HIS B 213 16.88 19.88 -6.53
CA HIS B 213 18.02 19.83 -7.43
C HIS B 213 18.08 21.04 -8.37
N GLY B 214 17.19 22.00 -8.13
CA GLY B 214 17.14 23.26 -8.88
C GLY B 214 16.64 23.19 -10.32
N ASP B 215 15.65 22.32 -10.57
CA ASP B 215 15.03 22.23 -11.90
C ASP B 215 13.51 22.35 -11.83
N ILE B 216 13.02 23.57 -11.90
CA ILE B 216 11.58 23.82 -11.76
C ILE B 216 10.74 23.33 -12.94
N LYS B 217 11.29 23.37 -14.15
CA LYS B 217 10.56 22.84 -15.31
C LYS B 217 10.31 21.34 -15.20
N LEU B 218 11.25 20.64 -14.55
CA LEU B 218 11.07 19.22 -14.27
C LEU B 218 10.11 19.04 -13.14
N ALA B 219 10.11 19.95 -12.18
CA ALA B 219 9.14 19.84 -11.09
C ALA B 219 7.73 19.96 -11.66
N GLN B 220 7.56 20.87 -12.62
CA GLN B 220 6.28 21.12 -13.29
C GLN B 220 5.75 19.89 -13.97
N ILE B 221 6.61 19.19 -14.69
CA ILE B 221 6.26 17.91 -15.31
C ILE B 221 5.69 16.93 -14.28
N CYS B 222 6.47 16.59 -13.27
CA CYS B 222 6.02 15.72 -12.23
C CYS B 222 4.77 16.28 -11.57
N GLY B 223 4.78 17.59 -11.33
CA GLY B 223 3.66 18.29 -10.71
C GLY B 223 2.33 18.06 -11.40
N THR B 224 2.29 18.31 -12.71
CA THR B 224 1.00 18.31 -13.39
C THR B 224 0.56 16.90 -13.73
N ILE B 225 1.48 15.94 -13.72
CA ILE B 225 1.06 14.56 -13.79
C ILE B 225 0.33 14.18 -12.50
N ALA B 226 0.95 14.47 -11.35
CA ALA B 226 0.34 14.22 -10.05
C ALA B 226 -1.09 14.77 -10.00
N ALA B 227 -1.29 15.94 -10.61
CA ALA B 227 -2.63 16.53 -10.73
C ALA B 227 -3.64 15.53 -11.29
N ASP B 228 -3.31 14.92 -12.41
CA ASP B 228 -4.18 13.92 -13.03
C ASP B 228 -4.44 12.78 -12.06
N GLU B 229 -3.41 12.37 -11.32
CA GLU B 229 -3.54 11.23 -10.40
C GLU B 229 -4.46 11.57 -9.23
N LYS B 230 -4.29 12.76 -8.66
CA LYS B 230 -5.19 13.23 -7.60
C LYS B 230 -6.65 13.15 -8.01
N ARG B 231 -6.93 13.49 -9.27
CA ARG B 231 -8.29 13.48 -9.80
C ARG B 231 -8.80 12.09 -10.02
N HIS B 232 -7.95 11.23 -10.58
CA HIS B 232 -8.30 9.83 -10.82
C HIS B 232 -8.57 9.12 -9.49
N GLU B 233 -7.72 9.39 -8.50
CA GLU B 233 -7.84 8.83 -7.17
C GLU B 233 -9.15 9.21 -6.52
N THR B 234 -9.55 10.47 -6.65
CA THR B 234 -10.84 10.95 -6.16
C THR B 234 -11.98 10.16 -6.79
N ALA B 235 -11.94 10.00 -8.12
CA ALA B 235 -12.95 9.22 -8.83
C ALA B 235 -13.07 7.79 -8.29
N TYR B 236 -11.93 7.11 -8.15
CA TYR B 236 -11.92 5.72 -7.67
C TYR B 236 -12.28 5.58 -6.18
N THR B 237 -11.81 6.50 -5.34
CA THR B 237 -12.20 6.54 -3.92
C THR B 237 -13.67 6.91 -3.72
N LYS B 238 -14.30 7.44 -4.79
CA LYS B 238 -15.75 7.65 -4.77
C LYS B 238 -16.47 6.35 -5.13
N ILE B 239 -15.95 5.59 -6.08
CA ILE B 239 -16.56 4.30 -6.44
C ILE B 239 -16.51 3.28 -5.30
N VAL B 240 -15.44 3.32 -4.50
CA VAL B 240 -15.34 2.45 -3.32
C VAL B 240 -16.30 2.91 -2.20
N GLU B 241 -16.40 4.23 -2.02
CA GLU B 241 -17.35 4.83 -1.07
C GLU B 241 -18.80 4.41 -1.36
N LYS B 242 -19.15 4.37 -2.66
CA LYS B 242 -20.48 3.91 -3.09
C LYS B 242 -20.68 2.41 -2.84
N LEU B 243 -19.60 1.66 -2.90
CA LEU B 243 -19.67 0.22 -2.64
C LEU B 243 -19.68 -0.12 -1.16
N PHE B 244 -19.09 0.74 -0.32
CA PHE B 244 -19.20 0.63 1.14
C PHE B 244 -20.63 0.91 1.65
N GLU B 245 -21.39 1.70 0.90
CA GLU B 245 -22.77 2.04 1.28
C GLU B 245 -23.76 0.99 0.77
N ILE B 246 -23.57 0.53 -0.45
CA ILE B 246 -24.46 -0.45 -1.09
C ILE B 246 -24.22 -1.89 -0.58
N ASP B 247 -22.96 -2.23 -0.33
CA ASP B 247 -22.60 -3.57 0.11
C ASP B 247 -21.48 -3.50 1.16
N PRO B 248 -21.80 -3.04 2.39
CA PRO B 248 -20.80 -2.80 3.44
C PRO B 248 -19.90 -4.01 3.69
N ASP B 249 -20.50 -5.19 3.79
CA ASP B 249 -19.78 -6.45 4.03
C ASP B 249 -18.81 -6.85 2.89
N GLY B 250 -19.32 -6.91 1.66
CA GLY B 250 -18.56 -7.39 0.51
C GLY B 250 -17.37 -6.53 0.16
N THR B 251 -17.53 -5.22 0.37
CA THR B 251 -16.47 -4.26 0.14
C THR B 251 -15.35 -4.45 1.17
N VAL B 252 -15.73 -4.64 2.43
CA VAL B 252 -14.78 -4.95 3.50
C VAL B 252 -14.02 -6.26 3.21
N LEU B 253 -14.74 -7.24 2.67
CA LEU B 253 -14.15 -8.52 2.25
C LEU B 253 -13.15 -8.34 1.11
N ALA B 254 -13.46 -7.45 0.17
CA ALA B 254 -12.55 -7.14 -0.93
C ALA B 254 -11.33 -6.41 -0.42
N PHE B 255 -11.57 -5.39 0.42
CA PHE B 255 -10.51 -4.57 1.01
C PHE B 255 -9.53 -5.39 1.87
N ALA B 256 -10.07 -6.32 2.67
CA ALA B 256 -9.25 -7.27 3.44
C ALA B 256 -8.45 -8.21 2.54
N ASP B 257 -9.12 -8.79 1.54
CA ASP B 257 -8.51 -9.73 0.58
C ASP B 257 -7.29 -9.15 -0.14
N MET B 258 -7.41 -7.89 -0.56
CA MET B 258 -6.33 -7.21 -1.26
C MET B 258 -5.13 -6.99 -0.35
N MET B 259 -5.40 -6.67 0.92
CA MET B 259 -4.33 -6.39 1.88
C MET B 259 -3.52 -7.64 2.26
N ARG B 260 -4.17 -8.80 2.32
CA ARG B 260 -3.49 -10.04 2.65
C ARG B 260 -2.59 -10.52 1.53
N LYS B 261 -3.06 -10.37 0.29
CA LYS B 261 -2.27 -10.71 -0.90
C LYS B 261 -1.12 -9.73 -1.13
N LYS B 262 -1.21 -8.57 -0.48
CA LYS B 262 -0.38 -7.40 -0.76
C LYS B 262 -0.59 -6.88 -2.18
N ILE B 263 -0.55 -5.57 -2.33
CA ILE B 263 -0.75 -4.93 -3.62
C ILE B 263 0.50 -5.04 -4.50
N SER B 264 0.51 -6.00 -5.43
CA SER B 264 1.63 -6.15 -6.37
C SER B 264 1.62 -5.07 -7.46
N MET B 265 2.59 -4.16 -7.36
CA MET B 265 2.72 -2.98 -8.26
C MET B 265 2.63 -3.33 -9.75
N PRO B 266 2.14 -2.38 -10.58
CA PRO B 266 1.79 -2.69 -11.96
C PRO B 266 3.01 -2.96 -12.85
N ALA B 267 4.20 -2.63 -12.38
CA ALA B 267 5.40 -2.80 -13.18
C ALA B 267 6.39 -3.75 -12.55
N HIS B 268 5.92 -4.86 -11.98
CA HIS B 268 6.83 -5.71 -11.22
C HIS B 268 7.56 -6.76 -12.06
N LEU B 269 7.01 -7.08 -13.23
CA LEU B 269 7.64 -8.02 -14.14
C LEU B 269 8.74 -7.36 -14.99
N MET B 270 9.20 -6.22 -14.50
CA MET B 270 10.14 -5.34 -15.15
C MET B 270 11.46 -6.06 -15.44
N TYR B 271 11.96 -5.94 -16.67
CA TYR B 271 13.17 -6.66 -17.07
C TYR B 271 13.88 -5.95 -18.22
N ASP B 272 15.19 -5.75 -18.10
CA ASP B 272 15.97 -5.04 -19.11
C ASP B 272 16.89 -5.96 -19.91
N GLY B 273 16.59 -7.25 -19.91
CA GLY B 273 17.45 -8.24 -20.54
C GLY B 273 18.68 -8.53 -19.71
N ARG B 274 18.84 -7.82 -18.60
CA ARG B 274 20.08 -7.88 -17.81
C ARG B 274 20.00 -8.11 -16.30
N ASP B 275 18.95 -7.57 -15.67
CA ASP B 275 18.77 -7.70 -14.23
C ASP B 275 17.55 -8.56 -13.91
N ASP B 276 17.79 -9.78 -13.42
CA ASP B 276 16.69 -10.69 -13.07
C ASP B 276 15.80 -10.15 -11.96
N ASN B 277 16.36 -9.31 -11.10
CA ASN B 277 15.60 -8.64 -10.04
C ASN B 277 15.50 -7.14 -10.22
N LEU B 278 15.19 -6.70 -11.44
CA LEU B 278 15.18 -5.27 -11.77
C LEU B 278 14.22 -4.47 -10.89
N PHE B 279 12.95 -4.88 -10.86
CA PHE B 279 11.94 -4.22 -10.03
C PHE B 279 12.32 -4.04 -8.55
N ASP B 280 12.89 -5.06 -7.93
CA ASP B 280 13.37 -4.95 -6.56
C ASP B 280 14.42 -3.86 -6.39
N HIS B 281 15.35 -3.79 -7.35
CA HIS B 281 16.44 -2.80 -7.30
C HIS B 281 15.97 -1.38 -7.58
N PHE B 282 15.10 -1.23 -8.58
CA PHE B 282 14.41 0.03 -8.82
C PHE B 282 13.70 0.49 -7.54
N SER B 283 12.87 -0.38 -6.97
CA SER B 283 12.11 -0.06 -5.77
C SER B 283 13.01 0.33 -4.60
N ALA B 284 14.12 -0.37 -4.44
CA ALA B 284 15.12 -0.02 -3.43
C ALA B 284 15.62 1.43 -3.56
N VAL B 285 15.79 1.90 -4.79
CA VAL B 285 16.28 3.27 -5.01
C VAL B 285 15.15 4.24 -4.74
N ALA B 286 13.93 3.88 -5.12
CA ALA B 286 12.75 4.66 -4.76
C ALA B 286 12.66 4.86 -3.24
N GLN B 287 13.06 3.81 -2.50
CA GLN B 287 12.97 3.79 -1.05
C GLN B 287 14.02 4.71 -0.40
N ARG B 288 15.28 4.54 -0.79
CA ARG B 288 16.38 5.28 -0.18
C ARG B 288 16.18 6.79 -0.35
N LEU B 289 15.60 7.17 -1.49
CA LEU B 289 15.44 8.59 -1.81
C LEU B 289 14.19 9.16 -1.19
N GLY B 290 13.21 8.28 -0.96
CA GLY B 290 11.98 8.69 -0.30
C GLY B 290 10.92 9.08 -1.29
N VAL B 291 11.05 8.58 -2.51
CA VAL B 291 10.02 8.83 -3.51
C VAL B 291 8.80 8.01 -3.15
N TYR B 292 9.03 6.75 -2.81
CA TYR B 292 7.96 5.88 -2.33
C TYR B 292 8.54 4.87 -1.34
N THR B 293 8.26 5.11 -0.06
CA THR B 293 8.77 4.27 1.03
C THR B 293 7.67 3.32 1.48
N ALA B 294 8.05 2.38 2.34
CA ALA B 294 7.09 1.46 2.95
C ALA B 294 6.15 2.18 3.94
N LYS B 295 6.67 3.23 4.59
CA LYS B 295 5.85 4.20 5.32
C LYS B 295 4.69 4.73 4.46
N ASP B 296 5.02 5.25 3.28
CA ASP B 296 4.03 5.79 2.35
C ASP B 296 2.94 4.73 2.09
N TYR B 297 3.35 3.50 1.79
CA TYR B 297 2.43 2.37 1.66
C TYR B 297 1.44 2.31 2.81
N ALA B 298 1.97 2.33 4.03
CA ALA B 298 1.14 2.29 5.25
C ALA B 298 0.28 3.56 5.41
N ASP B 299 0.88 4.71 5.12
CA ASP B 299 0.18 5.99 5.21
C ASP B 299 -1.03 6.04 4.27
N ILE B 300 -0.87 5.45 3.08
CA ILE B 300 -1.94 5.37 2.10
C ILE B 300 -3.09 4.57 2.69
N LEU B 301 -2.75 3.41 3.22
CA LEU B 301 -3.73 2.54 3.84
C LEU B 301 -4.50 3.26 4.97
N GLU B 302 -3.76 3.87 5.90
CA GLU B 302 -4.33 4.63 7.01
C GLU B 302 -5.25 5.74 6.54
N PHE B 303 -4.86 6.41 5.46
CA PHE B 303 -5.68 7.41 4.80
C PHE B 303 -7.00 6.83 4.26
N LEU B 304 -6.93 5.63 3.67
CA LEU B 304 -8.08 4.99 3.04
C LEU B 304 -9.06 4.46 4.07
N VAL B 305 -8.53 4.04 5.23
CA VAL B 305 -9.39 3.66 6.37
C VAL B 305 -10.16 4.88 6.89
N GLY B 306 -9.47 6.02 6.95
CA GLY B 306 -10.07 7.29 7.34
C GLY B 306 -11.00 7.87 6.29
N ARG B 307 -10.59 7.74 5.02
CA ARG B 307 -11.41 8.17 3.87
C ARG B 307 -12.74 7.41 3.74
N TRP B 308 -12.73 6.12 4.04
CA TRP B 308 -13.91 5.31 3.88
C TRP B 308 -14.63 5.07 5.20
N LYS B 309 -14.04 5.61 6.27
CA LYS B 309 -14.59 5.50 7.63
C LYS B 309 -14.85 4.04 8.04
N VAL B 310 -13.93 3.17 7.63
CA VAL B 310 -13.99 1.73 7.91
C VAL B 310 -14.06 1.51 9.42
N ASP B 311 -13.36 2.38 10.15
CA ASP B 311 -13.41 2.45 11.61
C ASP B 311 -14.86 2.40 12.15
N LYS B 312 -15.79 3.04 11.43
CA LYS B 312 -17.20 3.06 11.81
C LYS B 312 -18.12 2.53 10.72
N LEU B 313 -18.46 1.25 10.83
CA LEU B 313 -19.42 0.58 9.96
C LEU B 313 -20.22 -0.44 10.77
N THR B 314 -21.53 -0.44 10.61
CA THR B 314 -22.36 -1.41 11.30
C THR B 314 -22.95 -2.42 10.34
N GLY B 315 -23.25 -3.60 10.87
CA GLY B 315 -23.90 -4.62 10.09
C GLY B 315 -23.02 -5.65 9.44
N LEU B 316 -22.00 -6.07 10.17
CA LEU B 316 -20.96 -6.90 9.57
C LEU B 316 -21.02 -8.35 9.99
N SER B 317 -20.80 -9.25 9.03
CA SER B 317 -20.78 -10.69 9.29
C SER B 317 -19.56 -11.10 10.11
N ALA B 318 -19.59 -12.31 10.65
CA ALA B 318 -18.49 -12.87 11.47
C ALA B 318 -17.12 -12.66 10.82
N GLU B 319 -17.04 -12.92 9.50
CA GLU B 319 -15.82 -12.75 8.71
C GLU B 319 -15.57 -11.27 8.42
N GLY B 320 -16.66 -10.51 8.29
CA GLY B 320 -16.58 -9.08 7.99
C GLY B 320 -15.96 -8.24 9.11
N GLN B 321 -16.34 -8.55 10.35
CA GLN B 321 -15.75 -7.91 11.54
C GLN B 321 -14.27 -8.21 11.66
N LYS B 322 -13.91 -9.47 11.37
CA LYS B 322 -12.51 -9.91 11.31
C LYS B 322 -11.79 -9.21 10.16
N ALA B 323 -12.48 -9.08 9.02
CA ALA B 323 -11.95 -8.40 7.84
C ALA B 323 -11.76 -6.90 8.08
N GLN B 324 -12.62 -6.34 8.91
CA GLN B 324 -12.55 -4.92 9.28
C GLN B 324 -11.38 -4.64 10.21
N ASP B 325 -11.41 -5.27 11.39
CA ASP B 325 -10.39 -5.07 12.43
C ASP B 325 -8.97 -5.25 11.90
N TYR B 326 -8.73 -6.36 11.20
CA TYR B 326 -7.44 -6.63 10.58
C TYR B 326 -6.96 -5.43 9.77
N VAL B 327 -7.82 -4.97 8.86
CA VAL B 327 -7.53 -3.83 7.99
C VAL B 327 -7.21 -2.56 8.79
N CYS B 328 -8.02 -2.30 9.83
CA CYS B 328 -7.89 -1.08 10.64
C CYS B 328 -6.62 -1.05 11.50
N ARG B 329 -6.22 -2.20 12.03
CA ARG B 329 -5.02 -2.32 12.85
C ARG B 329 -3.73 -2.44 12.00
N LEU B 330 -3.90 -2.63 10.70
CA LEU B 330 -2.77 -2.91 9.80
C LEU B 330 -1.77 -1.77 9.59
N PRO B 331 -2.25 -0.51 9.47
CA PRO B 331 -1.34 0.63 9.26
C PRO B 331 -0.29 0.86 10.36
N PRO B 332 -0.69 0.91 11.67
CA PRO B 332 0.35 1.02 12.71
C PRO B 332 1.20 -0.24 12.80
N ARG B 333 0.63 -1.37 12.38
CA ARG B 333 1.33 -2.66 12.34
C ARG B 333 2.42 -2.65 11.27
N ILE B 334 2.04 -2.35 10.02
CA ILE B 334 2.98 -2.31 8.90
C ILE B 334 4.09 -1.30 9.15
N ARG B 335 3.72 -0.15 9.72
CA ARG B 335 4.66 0.95 9.97
C ARG B 335 5.75 0.49 10.91
N ARG B 336 5.32 -0.25 11.93
CA ARG B 336 6.19 -0.76 12.97
C ARG B 336 7.00 -1.94 12.55
N LEU B 337 6.43 -2.70 11.62
CA LEU B 337 7.12 -3.80 10.99
C LEU B 337 8.30 -3.24 10.23
N GLU B 338 8.04 -2.20 9.44
CA GLU B 338 9.06 -1.56 8.63
C GLU B 338 10.06 -0.79 9.49
N GLU B 339 9.53 -0.28 10.59
CA GLU B 339 10.24 0.59 11.51
C GLU B 339 11.56 -0.06 11.96
N ARG B 340 11.39 -1.27 12.46
CA ARG B 340 12.43 -2.09 13.02
C ARG B 340 13.28 -2.75 11.96
N ALA B 341 12.68 -2.96 10.79
CA ALA B 341 13.39 -3.44 9.62
C ALA B 341 14.30 -2.33 9.13
N GLN B 342 13.83 -1.09 9.22
CA GLN B 342 14.57 0.10 8.81
C GLN B 342 15.74 0.43 9.75
N GLY B 343 15.51 0.32 11.05
CA GLY B 343 16.54 0.56 12.07
C GLY B 343 17.44 -0.64 12.31
N ARG B 344 17.44 -1.58 11.36
CA ARG B 344 18.33 -2.75 11.38
C ARG B 344 18.89 -3.03 9.99
N ALA B 345 18.28 -2.40 8.98
CA ALA B 345 18.78 -2.44 7.61
C ALA B 345 20.25 -2.03 7.61
N LYS B 346 21.07 -2.80 6.90
CA LYS B 346 22.50 -2.50 6.78
C LYS B 346 22.82 -1.69 5.52
N GLU B 347 24.08 -1.30 5.38
CA GLU B 347 24.50 -0.52 4.24
C GLU B 347 24.23 -1.34 2.97
N ALA B 348 23.57 -0.71 2.00
CA ALA B 348 23.23 -1.38 0.75
C ALA B 348 24.33 -1.23 -0.30
N PRO B 349 24.43 -2.21 -1.22
CA PRO B 349 25.52 -2.15 -2.20
C PRO B 349 25.22 -1.17 -3.34
N THR B 350 26.27 -0.74 -4.03
CA THR B 350 26.12 0.06 -5.23
C THR B 350 25.93 -0.94 -6.36
N MET B 351 24.91 -0.70 -7.19
CA MET B 351 24.57 -1.59 -8.30
C MET B 351 24.44 -0.86 -9.64
N PRO B 352 24.92 -1.46 -10.73
CA PRO B 352 24.70 -0.86 -12.06
C PRO B 352 23.26 -1.01 -12.59
N PHE B 353 22.81 -0.01 -13.34
CA PHE B 353 21.53 -0.07 -14.04
C PHE B 353 21.72 0.13 -15.53
N SER B 354 21.10 -0.72 -16.34
CA SER B 354 21.27 -0.59 -17.81
C SER B 354 20.57 0.65 -18.35
N TRP B 355 19.66 1.21 -17.54
CA TRP B 355 18.97 2.46 -17.87
C TRP B 355 19.93 3.63 -17.83
N ILE B 356 21.07 3.47 -17.18
CA ILE B 356 22.06 4.53 -17.14
C ILE B 356 23.44 4.07 -17.59
N PHE B 357 23.46 3.23 -18.61
CA PHE B 357 24.70 2.81 -19.25
C PHE B 357 25.58 2.01 -18.31
N ASP B 358 24.92 1.41 -17.33
CA ASP B 358 25.54 0.65 -16.26
C ASP B 358 26.36 1.48 -15.26
N ARG B 359 26.15 2.79 -15.24
CA ARG B 359 26.65 3.61 -14.13
C ARG B 359 25.96 3.12 -12.87
N GLN B 360 26.54 3.41 -11.71
CA GLN B 360 26.09 2.74 -10.48
C GLN B 360 25.51 3.64 -9.41
N VAL B 361 24.35 3.27 -8.88
CA VAL B 361 23.72 4.03 -7.82
C VAL B 361 23.62 3.22 -6.55
N LYS B 362 23.54 3.90 -5.41
CA LYS B 362 23.47 3.20 -4.13
C LYS B 362 22.06 2.67 -3.88
N LEU B 363 21.93 1.37 -3.66
CA LEU B 363 20.64 0.74 -3.42
C LEU B 363 20.03 1.11 -2.07
N PHE C 18 20.38 -12.14 57.93
CA PHE C 18 21.53 -12.01 56.98
C PHE C 18 21.21 -10.97 55.87
N MET C 19 21.82 -11.07 54.69
CA MET C 19 21.78 -10.00 53.65
C MET C 19 20.46 -9.90 52.83
N PRO C 20 19.83 -8.69 52.82
CA PRO C 20 18.60 -8.52 52.05
C PRO C 20 18.82 -8.47 50.52
N PRO C 21 17.72 -8.50 49.73
CA PRO C 21 17.83 -8.37 48.27
C PRO C 21 18.23 -6.95 47.83
N ARG C 22 18.85 -6.86 46.67
CA ARG C 22 19.27 -5.59 46.12
C ARG C 22 18.82 -5.45 44.67
N GLU C 23 18.54 -4.22 44.25
CA GLU C 23 18.14 -3.92 42.87
C GLU C 23 19.16 -4.49 41.88
N VAL C 24 18.70 -5.39 41.02
CA VAL C 24 19.57 -6.07 40.04
C VAL C 24 19.86 -5.23 38.80
N HIS C 25 18.97 -4.28 38.52
CA HIS C 25 19.13 -3.37 37.39
C HIS C 25 20.09 -2.19 37.68
N VAL C 26 20.90 -1.83 36.68
CA VAL C 26 21.85 -0.72 36.77
C VAL C 26 21.15 0.64 36.93
N GLN C 27 21.65 1.45 37.87
CA GLN C 27 21.01 2.70 38.30
C GLN C 27 21.16 3.83 37.26
N VAL C 28 20.07 4.57 37.01
CA VAL C 28 20.07 5.69 36.03
C VAL C 28 19.48 6.96 36.67
N THR C 29 20.24 8.06 36.60
CA THR C 29 19.79 9.33 37.17
C THR C 29 19.60 10.42 36.10
N HIS C 30 18.52 11.19 36.25
CA HIS C 30 18.20 12.35 35.38
C HIS C 30 18.12 12.01 33.89
N SER C 31 17.08 11.26 33.51
CA SER C 31 16.85 10.89 32.11
C SER C 31 16.07 11.98 31.36
N MET C 32 15.68 13.02 32.08
CA MET C 32 14.92 14.12 31.51
C MET C 32 15.83 15.27 31.08
N PRO C 33 15.48 15.93 29.98
CA PRO C 33 16.23 17.12 29.55
C PRO C 33 16.09 18.22 30.62
N PRO C 34 17.18 18.94 30.86
CA PRO C 34 17.23 19.96 31.91
C PRO C 34 16.29 21.16 31.75
N GLN C 35 16.14 21.66 30.52
CA GLN C 35 15.36 22.87 30.27
C GLN C 35 13.88 22.81 30.66
N LYS C 36 13.31 21.63 30.44
CA LYS C 36 11.87 21.33 30.55
C LYS C 36 11.36 21.34 31.98
N ILE C 37 12.27 21.43 32.93
CA ILE C 37 11.90 21.43 34.34
C ILE C 37 10.93 22.59 34.56
N GLU C 38 11.10 23.65 33.77
CA GLU C 38 10.20 24.80 33.88
C GLU C 38 8.75 24.39 33.59
N ILE C 39 8.54 23.54 32.60
CA ILE C 39 7.18 23.02 32.34
C ILE C 39 6.51 22.58 33.66
N PHE C 40 7.32 22.22 34.65
CA PHE C 40 6.78 21.87 35.95
C PHE C 40 6.88 23.03 36.95
N LYS C 41 7.79 23.95 36.68
CA LYS C 41 7.89 25.16 37.48
C LYS C 41 6.75 26.14 37.15
N SER C 42 6.37 26.19 35.87
CA SER C 42 5.26 27.03 35.40
C SER C 42 3.88 26.49 35.77
N LEU C 43 3.74 25.16 35.80
CA LEU C 43 2.45 24.52 36.09
C LEU C 43 2.04 24.63 37.56
N ASP C 44 2.81 25.42 38.32
CA ASP C 44 2.55 25.70 39.74
C ASP C 44 1.13 26.20 39.96
N ASN C 45 0.69 27.17 39.16
CA ASN C 45 -0.66 27.70 39.24
C ASN C 45 -1.71 26.64 38.91
N TRP C 46 -1.51 25.94 37.79
CA TRP C 46 -2.39 24.84 37.38
C TRP C 46 -2.58 23.85 38.52
N ALA C 47 -1.46 23.41 39.10
CA ALA C 47 -1.45 22.47 40.21
C ALA C 47 -2.35 22.90 41.37
N GLU C 48 -2.30 24.18 41.74
CA GLU C 48 -3.13 24.70 42.81
C GLU C 48 -4.62 24.60 42.47
N GLU C 49 -4.97 24.83 41.21
CA GLU C 49 -6.35 24.79 40.76
C GLU C 49 -6.86 23.38 40.44
N ASN C 50 -5.93 22.44 40.24
CA ASN C 50 -6.30 21.15 39.67
C ASN C 50 -5.80 19.90 40.38
N ILE C 51 -4.83 20.08 41.29
CA ILE C 51 -4.32 18.96 42.07
C ILE C 51 -4.62 19.20 43.54
N LEU C 52 -4.35 20.42 44.03
CA LEU C 52 -4.58 20.76 45.44
C LEU C 52 -6.05 20.69 45.86
N VAL C 53 -6.96 20.81 44.90
CA VAL C 53 -8.38 20.53 45.16
C VAL C 53 -8.67 19.07 45.62
N HIS C 54 -7.92 18.10 45.09
CA HIS C 54 -8.09 16.69 45.47
C HIS C 54 -7.60 16.35 46.89
N LEU C 55 -7.19 17.39 47.63
CA LEU C 55 -6.78 17.22 49.01
C LEU C 55 -7.94 17.48 49.94
N LYS C 56 -8.14 16.60 50.91
CA LYS C 56 -9.10 16.86 51.99
C LYS C 56 -8.43 17.78 53.00
N PRO C 57 -9.15 18.82 53.44
CA PRO C 57 -8.69 19.59 54.59
C PRO C 57 -8.51 18.66 55.80
N VAL C 58 -7.49 18.91 56.60
CA VAL C 58 -7.16 17.99 57.68
C VAL C 58 -8.32 17.77 58.65
N GLU C 59 -9.03 18.85 58.99
CA GLU C 59 -10.18 18.77 59.90
C GLU C 59 -11.28 17.87 59.41
N LYS C 60 -11.38 17.70 58.09
CA LYS C 60 -12.42 16.86 57.53
C LYS C 60 -11.99 15.41 57.34
N CYS C 61 -10.68 15.17 57.43
CA CYS C 61 -10.13 13.82 57.30
C CYS C 61 -10.47 12.88 58.44
N TRP C 62 -10.63 11.60 58.09
CA TRP C 62 -10.70 10.53 59.07
C TRP C 62 -9.32 10.28 59.66
N GLN C 63 -9.30 9.67 60.84
CA GLN C 63 -8.07 9.33 61.49
C GLN C 63 -8.15 7.87 61.91
N PRO C 64 -7.00 7.18 62.04
CA PRO C 64 -7.04 5.76 62.38
C PRO C 64 -7.94 5.46 63.58
N GLN C 65 -8.00 6.34 64.56
CA GLN C 65 -8.82 6.10 65.76
C GLN C 65 -10.29 5.94 65.41
N ASP C 66 -10.72 6.54 64.31
CA ASP C 66 -12.12 6.37 63.91
C ASP C 66 -12.51 4.92 63.64
N PHE C 67 -11.50 4.04 63.52
CA PHE C 67 -11.73 2.69 63.04
C PHE C 67 -11.19 1.59 63.94
N LEU C 68 -10.75 1.97 65.14
CA LEU C 68 -10.12 1.04 66.05
C LEU C 68 -10.80 1.16 67.40
N PRO C 69 -10.65 0.13 68.26
CA PRO C 69 -11.21 0.23 69.58
C PRO C 69 -10.79 1.52 70.28
N ASP C 70 -11.69 2.11 71.05
CA ASP C 70 -11.48 3.39 71.71
C ASP C 70 -10.90 3.21 73.10
N PRO C 71 -9.58 3.45 73.26
CA PRO C 71 -8.91 3.11 74.52
C PRO C 71 -9.35 3.99 75.67
N ALA C 72 -10.08 5.05 75.39
CA ALA C 72 -10.55 5.92 76.43
C ALA C 72 -12.05 5.75 76.60
N SER C 73 -12.54 4.56 76.28
CA SER C 73 -13.96 4.26 76.34
C SER C 73 -14.20 3.11 77.26
N ASP C 74 -15.23 3.20 78.08
CA ASP C 74 -15.67 2.04 78.83
C ASP C 74 -15.81 0.78 77.97
N GLY C 75 -15.93 0.92 76.66
CA GLY C 75 -16.12 -0.22 75.77
C GLY C 75 -14.87 -0.84 75.20
N PHE C 76 -13.72 -0.34 75.62
CA PHE C 76 -12.45 -0.69 74.97
C PHE C 76 -12.21 -2.18 75.09
N ASP C 77 -12.30 -2.73 76.30
CA ASP C 77 -12.16 -4.16 76.48
C ASP C 77 -13.04 -5.00 75.54
N GLU C 78 -14.36 -4.82 75.58
CA GLU C 78 -15.19 -5.64 74.71
C GLU C 78 -14.88 -5.39 73.25
N GLN C 79 -14.61 -4.13 72.89
CA GLN C 79 -14.18 -3.84 71.53
C GLN C 79 -12.98 -4.68 71.05
N VAL C 80 -11.94 -4.72 71.85
CA VAL C 80 -10.75 -5.47 71.51
C VAL C 80 -11.09 -6.96 71.46
N ARG C 81 -11.79 -7.42 72.49
CA ARG C 81 -12.21 -8.81 72.55
C ARG C 81 -12.96 -9.18 71.28
N GLU C 82 -13.80 -8.29 70.77
CA GLU C 82 -14.52 -8.56 69.54
C GLU C 82 -13.64 -8.61 68.31
N LEU C 83 -12.85 -7.56 68.14
CA LEU C 83 -11.91 -7.49 67.04
C LEU C 83 -11.16 -8.82 66.92
N ARG C 84 -10.88 -9.44 68.06
CA ARG C 84 -10.06 -10.62 68.12
C ARG C 84 -10.80 -11.91 67.80
N GLU C 85 -12.02 -12.03 68.32
CA GLU C 85 -12.95 -13.09 67.95
C GLU C 85 -13.14 -13.06 66.43
N ARG C 86 -13.49 -11.91 65.93
CA ARG C 86 -13.68 -11.73 64.50
C ARG C 86 -12.43 -12.19 63.73
N ALA C 87 -11.25 -11.95 64.28
CA ALA C 87 -10.04 -12.21 63.53
C ALA C 87 -9.82 -13.69 63.29
N LYS C 88 -10.23 -14.50 64.25
CA LYS C 88 -9.98 -15.94 64.18
C LYS C 88 -10.60 -16.53 62.93
N GLU C 89 -11.78 -16.01 62.57
CA GLU C 89 -12.54 -16.43 61.39
C GLU C 89 -11.89 -15.98 60.08
N ILE C 90 -10.90 -15.11 60.15
CA ILE C 90 -10.18 -14.70 58.94
C ILE C 90 -9.01 -15.66 58.75
N PRO C 91 -8.90 -16.27 57.57
CA PRO C 91 -7.87 -17.28 57.41
C PRO C 91 -6.48 -16.67 57.26
N ASP C 92 -5.44 -17.46 57.61
CA ASP C 92 -4.04 -17.04 57.47
C ASP C 92 -3.65 -16.44 56.11
N ASP C 93 -4.03 -17.07 55.00
CA ASP C 93 -3.63 -16.54 53.69
C ASP C 93 -4.00 -15.06 53.56
N TYR C 94 -5.24 -14.72 53.95
CA TYR C 94 -5.68 -13.35 53.93
C TYR C 94 -4.75 -12.50 54.77
N PHE C 95 -4.44 -12.99 55.97
CA PHE C 95 -3.54 -12.24 56.84
C PHE C 95 -2.20 -11.95 56.19
N VAL C 96 -1.64 -12.95 55.50
CA VAL C 96 -0.37 -12.77 54.80
C VAL C 96 -0.46 -11.62 53.82
N VAL C 97 -1.51 -11.59 52.99
CA VAL C 97 -1.74 -10.47 52.05
C VAL C 97 -1.87 -9.13 52.77
N LEU C 98 -2.77 -9.07 53.76
CA LEU C 98 -3.00 -7.86 54.55
C LEU C 98 -1.70 -7.34 55.16
N VAL C 99 -0.93 -8.26 55.74
CA VAL C 99 0.39 -7.93 56.28
C VAL C 99 1.33 -7.33 55.23
N GLY C 100 1.40 -7.92 54.04
CA GLY C 100 2.25 -7.41 52.98
C GLY C 100 1.88 -5.98 52.68
N ASP C 101 0.58 -5.78 52.42
CA ASP C 101 -0.04 -4.48 52.30
C ASP C 101 0.46 -3.49 53.31
N MET C 102 0.31 -3.87 54.58
CA MET C 102 0.62 -2.98 55.66
C MET C 102 2.10 -2.66 55.64
N ILE C 103 2.93 -3.67 55.42
CA ILE C 103 4.39 -3.45 55.33
C ILE C 103 4.74 -2.46 54.22
N THR C 104 4.15 -2.65 53.04
CA THR C 104 4.26 -1.68 51.95
C THR C 104 3.89 -0.29 52.47
N GLU C 105 2.68 -0.16 53.01
CA GLU C 105 2.18 1.14 53.48
C GLU C 105 3.07 1.76 54.54
N GLU C 106 3.75 0.92 55.31
CA GLU C 106 4.54 1.39 56.44
C GLU C 106 5.86 1.99 56.00
N ALA C 107 6.33 1.58 54.83
CA ALA C 107 7.60 2.04 54.31
C ALA C 107 7.45 3.43 53.70
N LEU C 108 6.49 4.19 54.23
CA LEU C 108 6.15 5.51 53.70
C LEU C 108 7.33 6.48 53.55
N PRO C 109 8.25 6.52 54.52
CA PRO C 109 9.32 7.50 54.40
C PRO C 109 10.10 7.34 53.09
N THR C 110 10.22 6.11 52.61
CA THR C 110 10.74 5.87 51.29
C THR C 110 9.97 6.66 50.23
N TYR C 111 8.65 6.58 50.23
CA TYR C 111 7.86 7.18 49.15
C TYR C 111 7.87 8.71 49.16
N GLN C 112 8.08 9.33 50.32
CA GLN C 112 8.17 10.77 50.31
C GLN C 112 9.51 11.10 49.73
N THR C 113 10.55 10.41 50.18
CA THR C 113 11.87 10.57 49.56
C THR C 113 11.81 10.35 48.05
N MET C 114 11.10 9.31 47.61
CA MET C 114 10.99 9.01 46.19
C MET C 114 10.38 10.17 45.37
N LEU C 115 9.37 10.84 45.92
CA LEU C 115 8.79 12.01 45.25
C LEU C 115 9.70 13.23 45.30
N ASN C 116 10.61 13.27 46.25
CA ASN C 116 11.60 14.34 46.32
C ASN C 116 12.89 14.08 45.57
N THR C 117 12.83 13.19 44.58
CA THR C 117 13.95 13.00 43.65
C THR C 117 13.49 13.43 42.27
N LEU C 118 12.17 13.42 42.07
CA LEU C 118 11.55 13.84 40.81
C LEU C 118 11.95 15.28 40.44
N ASP C 119 12.63 15.42 39.30
CA ASP C 119 13.32 16.67 38.91
C ASP C 119 12.45 17.93 38.85
N GLY C 120 11.24 17.80 38.33
CA GLY C 120 10.34 18.95 38.21
C GLY C 120 9.60 19.39 39.47
N VAL C 121 9.51 18.50 40.46
CA VAL C 121 8.65 18.78 41.61
C VAL C 121 9.34 18.86 42.97
N ARG C 122 10.52 18.28 43.09
CA ARG C 122 11.15 18.06 44.39
C ARG C 122 11.09 19.26 45.36
N ASP C 123 10.75 18.95 46.61
CA ASP C 123 10.72 19.96 47.66
C ASP C 123 12.15 20.33 48.02
N GLU C 124 12.49 21.61 47.83
CA GLU C 124 13.87 22.06 47.95
C GLU C 124 14.37 22.23 49.40
N THR C 125 13.45 22.34 50.35
CA THR C 125 13.83 22.64 51.74
C THR C 125 13.05 21.88 52.79
N GLY C 126 12.01 21.17 52.35
CA GLY C 126 11.11 20.45 53.25
C GLY C 126 9.91 21.27 53.68
N ALA C 127 9.91 22.56 53.34
CA ALA C 127 8.83 23.47 53.71
C ALA C 127 8.57 24.51 52.61
N SER C 128 9.08 24.20 51.41
CA SER C 128 8.93 25.04 50.23
C SER C 128 7.46 25.28 49.86
N PRO C 129 7.06 26.55 49.64
CA PRO C 129 5.66 26.90 49.36
C PRO C 129 5.15 26.52 47.98
N THR C 130 5.93 25.77 47.22
CA THR C 130 5.52 25.38 45.87
C THR C 130 4.31 24.46 45.93
N SER C 131 3.43 24.60 44.95
CA SER C 131 2.22 23.76 44.85
C SER C 131 2.61 22.29 44.89
N TRP C 132 3.69 21.97 44.18
CA TRP C 132 4.20 20.59 44.11
C TRP C 132 4.65 20.05 45.46
N ALA C 133 5.40 20.86 46.22
CA ALA C 133 5.87 20.46 47.54
C ALA C 133 4.71 20.31 48.50
N ILE C 134 3.80 21.29 48.47
CA ILE C 134 2.62 21.26 49.33
C ILE C 134 1.79 20.00 49.09
N TRP C 135 1.63 19.64 47.82
CA TRP C 135 1.01 18.37 47.49
C TRP C 135 1.77 17.19 48.06
N THR C 136 3.10 17.21 47.94
CA THR C 136 3.92 16.11 48.43
C THR C 136 3.79 15.90 49.95
N ARG C 137 4.04 16.96 50.72
CA ARG C 137 3.90 16.93 52.17
C ARG C 137 2.50 16.51 52.61
N ALA C 138 1.48 16.94 51.89
CA ALA C 138 0.09 16.67 52.26
C ALA C 138 -0.30 15.24 51.96
N TRP C 139 0.16 14.73 50.82
CA TRP C 139 -0.09 13.35 50.41
C TRP C 139 0.59 12.37 51.37
N THR C 140 1.83 12.66 51.70
CA THR C 140 2.55 11.91 52.72
C THR C 140 1.72 11.89 54.00
N ALA C 141 1.21 13.05 54.43
CA ALA C 141 0.42 13.17 55.65
C ALA C 141 -0.82 12.28 55.63
N GLU C 142 -1.47 12.24 54.49
CA GLU C 142 -2.66 11.40 54.32
C GLU C 142 -2.29 9.93 54.33
N GLU C 143 -1.14 9.58 53.76
CA GLU C 143 -0.70 8.19 53.66
C GLU C 143 -0.28 7.63 55.01
N ASN C 144 0.42 8.45 55.78
CA ASN C 144 0.79 8.07 57.11
C ASN C 144 -0.37 7.41 57.87
N ARG C 145 -1.61 7.77 57.55
CA ARG C 145 -2.75 7.21 58.29
C ARG C 145 -2.92 5.74 57.94
N HIS C 146 -2.73 5.38 56.68
CA HIS C 146 -2.86 3.97 56.26
C HIS C 146 -1.98 3.00 57.03
N GLY C 147 -0.70 3.31 57.13
CA GLY C 147 0.20 2.47 57.91
C GLY C 147 -0.29 2.27 59.32
N ASP C 148 -0.45 3.37 60.07
CA ASP C 148 -0.94 3.33 61.43
C ASP C 148 -2.18 2.47 61.64
N LEU C 149 -3.22 2.74 60.86
CA LEU C 149 -4.48 2.05 61.06
C LEU C 149 -4.27 0.56 60.92
N LEU C 150 -3.67 0.16 59.80
CA LEU C 150 -3.41 -1.26 59.56
C LEU C 150 -2.49 -1.88 60.62
N ASN C 151 -1.42 -1.17 60.97
CA ASN C 151 -0.50 -1.62 62.00
C ASN C 151 -1.26 -1.98 63.26
N LYS C 152 -2.01 -1.04 63.82
CA LYS C 152 -2.72 -1.30 65.07
C LYS C 152 -3.80 -2.36 64.96
N TYR C 153 -4.44 -2.44 63.80
CA TYR C 153 -5.38 -3.50 63.60
C TYR C 153 -4.65 -4.79 63.66
N LEU C 154 -3.57 -4.92 62.90
CA LEU C 154 -2.80 -6.17 62.90
C LEU C 154 -2.31 -6.54 64.27
N TYR C 155 -1.71 -5.57 64.95
CA TYR C 155 -1.28 -5.71 66.33
C TYR C 155 -2.36 -6.30 67.22
N LEU C 156 -3.51 -5.65 67.32
CA LEU C 156 -4.58 -6.12 68.21
C LEU C 156 -5.08 -7.48 67.81
N SER C 157 -5.07 -7.78 66.52
CA SER C 157 -5.71 -9.00 66.06
C SER C 157 -5.14 -10.21 66.76
N GLY C 158 -3.82 -10.25 66.90
CA GLY C 158 -3.16 -11.35 67.55
C GLY C 158 -2.99 -12.54 66.64
N ARG C 159 -3.13 -12.34 65.34
CA ARG C 159 -3.03 -13.44 64.40
C ARG C 159 -1.71 -13.45 63.64
N VAL C 160 -0.97 -12.35 63.75
CA VAL C 160 0.28 -12.20 63.01
C VAL C 160 1.44 -11.99 63.97
N ASP C 161 2.67 -12.05 63.47
CA ASP C 161 3.86 -11.92 64.30
C ASP C 161 4.44 -10.51 64.23
N MET C 162 3.93 -9.60 65.06
CA MET C 162 4.34 -8.19 64.96
C MET C 162 5.85 -7.99 64.96
N ARG C 163 6.59 -8.83 65.66
CA ARG C 163 8.03 -8.64 65.70
C ARG C 163 8.67 -8.85 64.35
N GLN C 164 8.24 -9.90 63.66
CA GLN C 164 8.80 -10.24 62.38
C GLN C 164 8.33 -9.22 61.35
N ILE C 165 7.12 -8.72 61.54
CA ILE C 165 6.58 -7.73 60.64
C ILE C 165 7.38 -6.46 60.85
N GLU C 166 7.62 -6.11 62.11
CA GLU C 166 8.42 -4.94 62.43
C GLU C 166 9.83 -5.01 61.82
N LYS C 167 10.40 -6.21 61.85
CA LYS C 167 11.71 -6.47 61.31
C LYS C 167 11.72 -6.28 59.79
N THR C 168 10.69 -6.80 59.11
CA THR C 168 10.58 -6.70 57.66
C THR C 168 10.58 -5.23 57.26
N ILE C 169 9.80 -4.45 58.00
CA ILE C 169 9.68 -3.01 57.77
C ILE C 169 11.04 -2.34 57.88
N GLN C 170 11.86 -2.77 58.85
CA GLN C 170 13.18 -2.18 59.03
C GLN C 170 14.09 -2.52 57.86
N TYR C 171 14.02 -3.77 57.42
CA TYR C 171 14.77 -4.23 56.27
C TYR C 171 14.35 -3.46 55.03
N LEU C 172 13.04 -3.25 54.89
CA LEU C 172 12.47 -2.50 53.76
C LEU C 172 12.87 -1.03 53.70
N ILE C 173 12.68 -0.30 54.80
CA ILE C 173 13.04 1.12 54.82
C ILE C 173 14.53 1.32 54.55
N GLY C 174 15.36 0.41 55.06
CA GLY C 174 16.79 0.48 54.85
C GLY C 174 17.26 0.03 53.48
N SER C 175 16.42 -0.73 52.79
CA SER C 175 16.71 -1.20 51.43
C SER C 175 16.40 -0.09 50.46
N GLY C 176 15.31 0.62 50.74
CA GLY C 176 14.79 1.62 49.84
C GLY C 176 14.12 0.97 48.65
N MET C 177 13.92 1.78 47.64
CA MET C 177 13.33 1.34 46.40
C MET C 177 14.02 2.11 45.27
N ASP C 178 14.04 1.53 44.07
CA ASP C 178 14.40 2.26 42.85
C ASP C 178 13.36 1.94 41.79
N PRO C 179 12.31 2.76 41.71
CA PRO C 179 11.17 2.47 40.85
C PRO C 179 11.52 2.70 39.37
N ARG C 180 12.79 3.04 39.13
CA ARG C 180 13.31 3.28 37.81
C ARG C 180 12.54 4.40 37.12
N THR C 181 12.30 5.47 37.86
CA THR C 181 11.62 6.65 37.36
C THR C 181 12.63 7.65 36.85
N GLU C 182 13.91 7.39 37.15
CA GLU C 182 15.04 8.16 36.59
C GLU C 182 14.93 9.67 36.82
N ASN C 183 14.36 10.04 37.97
CA ASN C 183 14.09 11.44 38.36
C ASN C 183 13.15 12.18 37.42
N SER C 184 12.48 11.43 36.54
CA SER C 184 11.56 12.02 35.58
C SER C 184 10.14 12.06 36.13
N PRO C 185 9.56 13.28 36.21
CA PRO C 185 8.15 13.35 36.61
C PRO C 185 7.22 12.72 35.57
N TYR C 186 7.66 12.64 34.32
CA TYR C 186 6.94 11.92 33.27
C TYR C 186 6.73 10.45 33.66
N LEU C 187 7.85 9.79 33.97
CA LEU C 187 7.84 8.39 34.37
C LEU C 187 7.28 8.26 35.78
N GLY C 188 7.69 9.19 36.65
CA GLY C 188 7.32 9.16 38.07
C GLY C 188 5.84 9.27 38.29
N PHE C 189 5.21 10.21 37.60
CA PHE C 189 3.77 10.43 37.75
C PHE C 189 2.93 9.38 37.06
N ILE C 190 3.50 8.73 36.05
CA ILE C 190 2.88 7.54 35.45
C ILE C 190 2.99 6.35 36.42
N TYR C 191 4.15 6.23 37.07
CA TYR C 191 4.34 5.23 38.10
C TYR C 191 3.29 5.38 39.21
N THR C 192 3.33 6.52 39.91
CA THR C 192 2.36 6.80 40.96
C THR C 192 0.91 6.65 40.48
N SER C 193 0.62 7.06 39.24
CA SER C 193 -0.71 6.89 38.66
C SER C 193 -1.12 5.42 38.71
N PHE C 194 -0.18 4.56 38.31
CA PHE C 194 -0.41 3.14 38.20
C PHE C 194 -0.47 2.51 39.58
N GLN C 195 0.51 2.84 40.43
CA GLN C 195 0.58 2.32 41.78
C GLN C 195 -0.66 2.61 42.61
N GLU C 196 -1.12 3.86 42.58
CA GLU C 196 -2.26 4.27 43.37
C GLU C 196 -3.52 3.52 42.98
N ARG C 197 -3.65 3.21 41.69
CA ARG C 197 -4.77 2.40 41.23
C ARG C 197 -4.59 0.96 41.64
N ALA C 198 -3.33 0.51 41.66
CA ALA C 198 -3.01 -0.88 42.03
C ALA C 198 -3.43 -1.18 43.48
N THR C 199 -3.00 -0.33 44.40
CA THR C 199 -3.40 -0.46 45.80
C THR C 199 -4.92 -0.32 45.94
N PHE C 200 -5.52 0.59 45.16
CA PHE C 200 -6.97 0.78 45.20
C PHE C 200 -7.72 -0.54 44.94
N ILE C 201 -7.28 -1.27 43.91
CA ILE C 201 -7.90 -2.56 43.55
C ILE C 201 -7.64 -3.57 44.66
N SER C 202 -6.41 -3.57 45.18
CA SER C 202 -6.03 -4.45 46.27
C SER C 202 -6.94 -4.25 47.44
N HIS C 203 -6.94 -3.02 47.95
CA HIS C 203 -7.68 -2.67 49.14
C HIS C 203 -9.19 -2.92 48.99
N GLY C 204 -9.75 -2.56 47.85
CA GLY C 204 -11.14 -2.88 47.58
C GLY C 204 -11.44 -4.37 47.62
N ASN C 205 -10.46 -5.20 47.29
CA ASN C 205 -10.64 -6.65 47.31
C ASN C 205 -10.52 -7.23 48.70
N THR C 206 -9.50 -6.78 49.42
CA THR C 206 -9.37 -7.13 50.83
C THR C 206 -10.58 -6.62 51.62
N ALA C 207 -11.14 -5.49 51.21
CA ALA C 207 -12.39 -5.01 51.78
C ALA C 207 -13.50 -6.01 51.47
N ARG C 208 -13.72 -6.24 50.18
CA ARG C 208 -14.77 -7.14 49.72
C ARG C 208 -14.60 -8.55 50.30
N GLN C 209 -13.35 -8.97 50.48
CA GLN C 209 -13.09 -10.28 51.05
C GLN C 209 -13.29 -10.34 52.56
N ALA C 210 -12.95 -9.27 53.29
CA ALA C 210 -13.22 -9.23 54.73
C ALA C 210 -14.73 -9.25 54.99
N LYS C 211 -15.48 -8.58 54.11
CA LYS C 211 -16.95 -8.62 54.17
C LYS C 211 -17.37 -10.06 54.20
N GLU C 212 -16.88 -10.83 53.22
CA GLU C 212 -17.19 -12.25 53.07
C GLU C 212 -16.83 -13.11 54.28
N HIS C 213 -15.65 -12.89 54.87
CA HIS C 213 -15.25 -13.60 56.09
C HIS C 213 -16.04 -13.11 57.32
N GLY C 214 -17.05 -12.28 57.07
CA GLY C 214 -17.93 -11.72 58.11
C GLY C 214 -17.31 -10.73 59.09
N ASP C 215 -16.42 -9.86 58.60
CA ASP C 215 -15.86 -8.80 59.43
C ASP C 215 -16.02 -7.42 58.77
N ILE C 216 -17.13 -6.76 59.07
CA ILE C 216 -17.41 -5.47 58.46
C ILE C 216 -16.49 -4.34 58.94
N LYS C 217 -16.13 -4.36 60.22
CA LYS C 217 -15.19 -3.37 60.75
C LYS C 217 -13.82 -3.44 60.05
N LEU C 218 -13.40 -4.65 59.68
CA LEU C 218 -12.21 -4.79 58.87
C LEU C 218 -12.45 -4.31 57.44
N ALA C 219 -13.66 -4.55 56.92
CA ALA C 219 -13.98 -4.10 55.57
C ALA C 219 -13.88 -2.59 55.51
N GLN C 220 -14.36 -1.93 56.56
CA GLN C 220 -14.38 -0.47 56.68
C GLN C 220 -12.98 0.10 56.64
N ILE C 221 -12.07 -0.53 57.38
CA ILE C 221 -10.65 -0.17 57.34
C ILE C 221 -10.10 -0.17 55.90
N CYS C 222 -10.18 -1.31 55.23
CA CYS C 222 -9.72 -1.41 53.87
C CYS C 222 -10.49 -0.44 52.97
N GLY C 223 -11.81 -0.36 53.20
CA GLY C 223 -12.68 0.53 52.47
C GLY C 223 -12.19 1.96 52.45
N THR C 224 -11.99 2.55 53.62
CA THR C 224 -11.69 3.99 53.67
C THR C 224 -10.25 4.31 53.29
N ILE C 225 -9.38 3.30 53.31
CA ILE C 225 -8.06 3.51 52.76
C ILE C 225 -8.20 3.61 51.26
N ALA C 226 -8.86 2.64 50.64
CA ALA C 226 -9.14 2.70 49.20
C ALA C 226 -9.64 4.08 48.76
N ALA C 227 -10.55 4.65 49.55
CA ALA C 227 -11.05 6.00 49.33
C ALA C 227 -9.90 6.96 49.06
N ASP C 228 -8.92 7.01 49.97
CA ASP C 228 -7.76 7.89 49.80
C ASP C 228 -7.06 7.63 48.46
N GLU C 229 -6.95 6.34 48.08
CA GLU C 229 -6.21 5.95 46.89
C GLU C 229 -6.95 6.38 45.64
N LYS C 230 -8.27 6.21 45.62
CA LYS C 230 -9.10 6.68 44.51
C LYS C 230 -8.87 8.18 44.24
N ARG C 231 -8.77 8.96 45.31
CA ARG C 231 -8.55 10.40 45.23
C ARG C 231 -7.16 10.73 44.72
N HIS C 232 -6.16 10.10 45.31
CA HIS C 232 -4.77 10.28 44.88
C HIS C 232 -4.60 9.90 43.40
N GLU C 233 -5.22 8.79 43.01
CA GLU C 233 -5.18 8.32 41.61
C GLU C 233 -5.77 9.34 40.63
N THR C 234 -6.90 9.95 41.02
CA THR C 234 -7.53 11.00 40.23
C THR C 234 -6.56 12.18 40.06
N ALA C 235 -5.90 12.58 41.15
CA ALA C 235 -4.93 13.68 41.09
C ALA C 235 -3.80 13.35 40.12
N TYR C 236 -3.23 12.16 40.23
CA TYR C 236 -2.11 11.77 39.36
C TYR C 236 -2.52 11.53 37.91
N THR C 237 -3.67 10.90 37.68
CA THR C 237 -4.23 10.74 36.32
C THR C 237 -4.65 12.07 35.69
N LYS C 238 -4.80 13.11 36.52
CA LYS C 238 -4.99 14.45 35.99
C LYS C 238 -3.65 15.05 35.54
N ILE C 239 -2.58 14.82 36.32
CA ILE C 239 -1.26 15.35 35.96
C ILE C 239 -0.72 14.73 34.66
N VAL C 240 -1.04 13.46 34.43
CA VAL C 240 -0.66 12.80 33.17
C VAL C 240 -1.50 13.34 31.99
N GLU C 241 -2.80 13.53 32.23
CA GLU C 241 -3.71 14.11 31.24
C GLU C 241 -3.19 15.47 30.75
N LYS C 242 -2.69 16.28 31.69
CA LYS C 242 -2.14 17.60 31.35
C LYS C 242 -0.83 17.48 30.59
N LEU C 243 -0.10 16.39 30.82
CA LEU C 243 1.14 16.15 30.10
C LEU C 243 0.93 15.54 28.70
N PHE C 244 -0.17 14.82 28.53
CA PHE C 244 -0.61 14.35 27.20
C PHE C 244 -1.05 15.49 26.27
N GLU C 245 -1.53 16.58 26.86
CA GLU C 245 -1.99 17.75 26.10
C GLU C 245 -0.83 18.68 25.79
N ILE C 246 0.04 18.90 26.76
CA ILE C 246 1.18 19.82 26.61
C ILE C 246 2.33 19.20 25.81
N ASP C 247 2.57 17.91 26.00
CA ASP C 247 3.65 17.22 25.32
C ASP C 247 3.21 15.82 24.89
N PRO C 248 2.34 15.73 23.85
CA PRO C 248 1.74 14.44 23.45
C PRO C 248 2.77 13.35 23.19
N ASP C 249 3.87 13.71 22.53
CA ASP C 249 4.94 12.77 22.16
C ASP C 249 5.74 12.27 23.38
N GLY C 250 6.26 13.20 24.17
CA GLY C 250 7.11 12.87 25.33
C GLY C 250 6.43 12.01 26.39
N THR C 251 5.14 12.26 26.59
CA THR C 251 4.32 11.52 27.54
C THR C 251 4.13 10.08 27.07
N VAL C 252 3.83 9.91 25.78
CA VAL C 252 3.74 8.58 25.15
C VAL C 252 5.07 7.84 25.25
N LEU C 253 6.18 8.58 25.14
CA LEU C 253 7.52 8.00 25.26
C LEU C 253 7.79 7.55 26.68
N ALA C 254 7.30 8.32 27.65
CA ALA C 254 7.40 7.95 29.06
C ALA C 254 6.53 6.73 29.38
N PHE C 255 5.29 6.77 28.92
CA PHE C 255 4.32 5.69 29.13
C PHE C 255 4.77 4.36 28.50
N ALA C 256 5.35 4.42 27.31
CA ALA C 256 5.95 3.24 26.68
C ALA C 256 7.16 2.72 27.45
N ASP C 257 8.07 3.63 27.82
CA ASP C 257 9.29 3.29 28.56
C ASP C 257 9.01 2.55 29.87
N MET C 258 8.01 3.01 30.61
CA MET C 258 7.61 2.36 31.85
C MET C 258 7.08 0.96 31.60
N MET C 259 6.33 0.78 30.52
CA MET C 259 5.72 -0.51 30.22
C MET C 259 6.74 -1.58 29.82
N ARG C 260 7.82 -1.17 29.16
CA ARG C 260 8.85 -2.12 28.74
C ARG C 260 9.71 -2.59 29.91
N LYS C 261 10.00 -1.67 30.84
CA LYS C 261 10.77 -2.01 32.03
C LYS C 261 9.93 -2.82 33.04
N LYS C 262 8.60 -2.81 32.83
CA LYS C 262 7.64 -3.30 33.81
C LYS C 262 7.69 -2.49 35.09
N ILE C 263 6.52 -2.28 35.68
CA ILE C 263 6.39 -1.50 36.90
C ILE C 263 6.82 -2.36 38.10
N SER C 264 8.04 -2.14 38.59
CA SER C 264 8.51 -2.83 39.79
C SER C 264 7.91 -2.23 41.07
N MET C 265 7.04 -3.02 41.71
CA MET C 265 6.25 -2.61 42.88
C MET C 265 7.10 -2.01 44.00
N PRO C 266 6.52 -1.11 44.81
CA PRO C 266 7.32 -0.33 45.76
C PRO C 266 7.91 -1.16 46.91
N ALA C 267 7.41 -2.37 47.11
CA ALA C 267 7.86 -3.19 48.23
C ALA C 267 8.56 -4.48 47.81
N HIS C 268 9.34 -4.43 46.73
CA HIS C 268 9.86 -5.66 46.18
C HIS C 268 11.14 -6.15 46.84
N LEU C 269 11.83 -5.26 47.54
CA LEU C 269 13.07 -5.63 48.24
C LEU C 269 12.80 -6.25 49.62
N MET C 270 11.54 -6.64 49.81
CA MET C 270 10.98 -7.17 51.04
C MET C 270 11.75 -8.35 51.58
N TYR C 271 12.11 -8.32 52.85
CA TYR C 271 12.91 -9.38 53.43
C TYR C 271 12.67 -9.45 54.93
N ASP C 272 12.42 -10.66 55.43
CA ASP C 272 12.16 -10.89 56.86
C ASP C 272 13.33 -11.58 57.57
N GLY C 273 14.52 -11.48 56.98
CA GLY C 273 15.69 -12.15 57.51
C GLY C 273 15.66 -13.65 57.27
N ARG C 274 14.61 -14.12 56.59
CA ARG C 274 14.37 -15.56 56.46
C ARG C 274 14.00 -16.09 55.08
N ASP C 275 13.30 -15.30 54.28
CA ASP C 275 12.87 -15.71 52.94
C ASP C 275 13.55 -14.85 51.89
N ASP C 276 14.52 -15.42 51.18
CA ASP C 276 15.23 -14.68 50.13
C ASP C 276 14.34 -14.24 48.97
N ASN C 277 13.22 -14.94 48.77
CA ASN C 277 12.23 -14.54 47.78
C ASN C 277 10.89 -14.15 48.41
N LEU C 278 10.92 -13.34 49.47
CA LEU C 278 9.70 -13.00 50.20
C LEU C 278 8.64 -12.35 49.36
N PHE C 279 9.02 -11.31 48.61
CA PHE C 279 8.08 -10.57 47.75
C PHE C 279 7.36 -11.42 46.73
N ASP C 280 8.09 -12.35 46.10
CA ASP C 280 7.48 -13.29 45.15
C ASP C 280 6.41 -14.15 45.80
N HIS C 281 6.69 -14.62 47.01
CA HIS C 281 5.77 -15.49 47.74
C HIS C 281 4.54 -14.74 48.23
N PHE C 282 4.75 -13.59 48.87
CA PHE C 282 3.66 -12.68 49.18
C PHE C 282 2.77 -12.42 47.94
N SER C 283 3.38 -12.02 46.83
CA SER C 283 2.64 -11.74 45.58
C SER C 283 1.85 -12.93 45.08
N ALA C 284 2.42 -14.13 45.25
CA ALA C 284 1.75 -15.37 44.88
C ALA C 284 0.46 -15.55 45.68
N VAL C 285 0.48 -15.16 46.94
CA VAL C 285 -0.70 -15.33 47.79
C VAL C 285 -1.72 -14.25 47.44
N ALA C 286 -1.24 -13.06 47.12
CA ALA C 286 -2.12 -12.03 46.62
C ALA C 286 -2.83 -12.52 45.36
N GLN C 287 -2.11 -13.29 44.54
CA GLN C 287 -2.61 -13.77 43.27
C GLN C 287 -3.72 -14.81 43.44
N ARG C 288 -3.44 -15.84 44.24
CA ARG C 288 -4.34 -16.97 44.40
C ARG C 288 -5.68 -16.51 44.96
N LEU C 289 -5.64 -15.48 45.80
CA LEU C 289 -6.83 -15.04 46.49
C LEU C 289 -7.59 -14.05 45.65
N GLY C 290 -6.88 -13.38 44.75
CA GLY C 290 -7.51 -12.43 43.85
C GLY C 290 -7.51 -11.03 44.41
N VAL C 291 -6.59 -10.73 45.31
CA VAL C 291 -6.45 -9.39 45.84
C VAL C 291 -5.81 -8.51 44.78
N TYR C 292 -4.79 -9.04 44.11
CA TYR C 292 -4.14 -8.37 43.00
C TYR C 292 -3.58 -9.43 42.08
N THR C 293 -4.27 -9.65 40.95
CA THR C 293 -3.87 -10.65 39.96
C THR C 293 -3.13 -9.97 38.81
N ALA C 294 -2.59 -10.77 37.89
CA ALA C 294 -1.96 -10.24 36.70
C ALA C 294 -3.00 -9.63 35.74
N LYS C 295 -4.20 -10.19 35.72
CA LYS C 295 -5.37 -9.59 35.06
C LYS C 295 -5.56 -8.15 35.49
N ASP C 296 -5.56 -7.93 36.80
CA ASP C 296 -5.74 -6.60 37.37
C ASP C 296 -4.68 -5.66 36.79
N TYR C 297 -3.42 -6.11 36.79
CA TYR C 297 -2.34 -5.36 36.17
C TYR C 297 -2.72 -4.90 34.76
N ALA C 298 -3.16 -5.85 33.93
CA ALA C 298 -3.55 -5.55 32.56
C ALA C 298 -4.78 -4.66 32.52
N ASP C 299 -5.73 -4.92 33.43
CA ASP C 299 -6.97 -4.16 33.47
C ASP C 299 -6.70 -2.69 33.77
N ILE C 300 -5.70 -2.45 34.62
CA ILE C 300 -5.30 -1.10 34.99
C ILE C 300 -4.78 -0.41 33.77
N LEU C 301 -3.86 -1.07 33.08
CA LEU C 301 -3.32 -0.57 31.84
C LEU C 301 -4.41 -0.18 30.83
N GLU C 302 -5.29 -1.12 30.54
CA GLU C 302 -6.41 -0.90 29.61
C GLU C 302 -7.26 0.30 30.01
N PHE C 303 -7.48 0.46 31.32
CA PHE C 303 -8.20 1.61 31.87
C PHE C 303 -7.46 2.93 31.63
N LEU C 304 -6.14 2.91 31.72
CA LEU C 304 -5.32 4.12 31.56
C LEU C 304 -5.22 4.55 30.09
N VAL C 305 -5.20 3.57 29.20
CA VAL C 305 -5.27 3.84 27.78
C VAL C 305 -6.62 4.50 27.46
N GLY C 306 -7.68 4.02 28.12
CA GLY C 306 -9.02 4.57 27.95
C GLY C 306 -9.17 5.92 28.64
N ARG C 307 -8.55 6.03 29.80
CA ARG C 307 -8.58 7.26 30.59
C ARG C 307 -7.84 8.42 29.90
N TRP C 308 -6.73 8.11 29.24
CA TRP C 308 -5.94 9.14 28.59
C TRP C 308 -6.21 9.28 27.10
N LYS C 309 -7.10 8.41 26.61
CA LYS C 309 -7.50 8.37 25.19
C LYS C 309 -6.29 8.23 24.26
N VAL C 310 -5.33 7.42 24.69
CA VAL C 310 -4.09 7.18 23.94
C VAL C 310 -4.43 6.63 22.56
N ASP C 311 -5.50 5.85 22.51
CA ASP C 311 -6.10 5.35 21.28
C ASP C 311 -6.27 6.46 20.22
N LYS C 312 -6.59 7.67 20.67
CA LYS C 312 -6.75 8.80 19.77
C LYS C 312 -5.87 10.00 20.14
N LEU C 313 -4.71 10.08 19.48
CA LEU C 313 -3.78 11.21 19.60
C LEU C 313 -3.13 11.47 18.25
N THR C 314 -3.06 12.74 17.85
CA THR C 314 -2.40 13.10 16.60
C THR C 314 -1.11 13.89 16.82
N GLY C 315 -0.21 13.82 15.84
CA GLY C 315 1.04 14.57 15.86
C GLY C 315 2.20 13.82 16.49
N LEU C 316 2.32 12.53 16.17
CA LEU C 316 3.32 11.68 16.81
C LEU C 316 4.52 11.36 15.91
N SER C 317 5.71 11.39 16.51
CA SER C 317 6.96 11.06 15.80
C SER C 317 7.05 9.56 15.49
N ALA C 318 7.98 9.21 14.61
CA ALA C 318 8.22 7.82 14.20
C ALA C 318 8.27 6.83 15.38
N GLU C 319 8.97 7.23 16.45
CA GLU C 319 9.10 6.43 17.68
C GLU C 319 7.84 6.52 18.52
N GLY C 320 7.16 7.67 18.44
CA GLY C 320 5.94 7.93 19.19
C GLY C 320 4.78 7.06 18.77
N GLN C 321 4.60 6.89 17.46
CA GLN C 321 3.57 6.01 16.90
C GLN C 321 3.83 4.55 17.30
N LYS C 322 5.10 4.18 17.27
CA LYS C 322 5.56 2.89 17.77
C LYS C 322 5.31 2.80 19.30
N ALA C 323 5.63 3.86 20.01
CA ALA C 323 5.42 3.90 21.45
C ALA C 323 3.93 3.83 21.80
N GLN C 324 3.08 4.36 20.91
CA GLN C 324 1.63 4.37 21.11
C GLN C 324 1.02 2.98 20.90
N ASP C 325 1.17 2.47 19.68
CA ASP C 325 0.61 1.17 19.27
C ASP C 325 0.99 0.04 20.25
N TYR C 326 2.28 -0.06 20.58
CA TYR C 326 2.76 -1.05 21.54
C TYR C 326 1.93 -0.98 22.81
N VAL C 327 1.81 0.22 23.36
CA VAL C 327 1.08 0.45 24.61
C VAL C 327 -0.40 0.06 24.48
N CYS C 328 -1.00 0.40 23.35
CA CYS C 328 -2.43 0.16 23.12
C CYS C 328 -2.77 -1.32 22.93
N ARG C 329 -1.90 -2.05 22.23
CA ARG C 329 -2.08 -3.50 22.02
C ARG C 329 -1.64 -4.36 23.24
N LEU C 330 -0.99 -3.75 24.22
CA LEU C 330 -0.41 -4.48 25.35
C LEU C 330 -1.41 -5.13 26.30
N PRO C 331 -2.54 -4.45 26.61
CA PRO C 331 -3.50 -5.03 27.54
C PRO C 331 -4.12 -6.39 27.12
N PRO C 332 -4.65 -6.49 25.88
CA PRO C 332 -5.13 -7.82 25.47
C PRO C 332 -3.98 -8.83 25.35
N ARG C 333 -2.78 -8.32 25.08
CA ARG C 333 -1.57 -9.12 24.96
C ARG C 333 -1.18 -9.73 26.31
N ILE C 334 -0.98 -8.87 27.30
CA ILE C 334 -0.61 -9.29 28.65
C ILE C 334 -1.66 -10.24 29.22
N ARG C 335 -2.94 -9.94 29.00
CA ARG C 335 -4.05 -10.73 29.52
C ARG C 335 -3.98 -12.17 29.02
N ARG C 336 -3.68 -12.28 27.73
CA ARG C 336 -3.58 -13.54 27.03
C ARG C 336 -2.30 -14.30 27.29
N LEU C 337 -1.25 -13.54 27.59
CA LEU C 337 0.01 -14.08 28.05
C LEU C 337 -0.24 -14.80 29.39
N GLU C 338 -0.89 -14.09 30.31
CA GLU C 338 -1.22 -14.62 31.62
C GLU C 338 -2.25 -15.75 31.53
N GLU C 339 -3.20 -15.59 30.61
CA GLU C 339 -4.27 -16.53 30.36
C GLU C 339 -3.79 -17.97 30.31
N ARG C 340 -2.86 -18.17 29.39
CA ARG C 340 -2.32 -19.45 29.07
C ARG C 340 -1.30 -19.93 30.08
N ALA C 341 -0.69 -18.97 30.77
CA ALA C 341 0.18 -19.25 31.90
C ALA C 341 -0.66 -19.73 33.07
N GLN C 342 -1.86 -19.15 33.19
CA GLN C 342 -2.82 -19.50 34.25
C GLN C 342 -3.46 -20.87 34.04
N GLY C 343 -3.84 -21.17 32.80
CA GLY C 343 -4.42 -22.46 32.43
C GLY C 343 -3.38 -23.55 32.20
N ARG C 344 -2.16 -23.31 32.67
CA ARG C 344 -1.08 -24.31 32.64
C ARG C 344 -0.32 -24.33 33.98
N ALA C 345 -0.54 -23.31 34.80
CA ALA C 345 0.00 -23.26 36.14
C ALA C 345 -0.37 -24.54 36.89
N LYS C 346 0.60 -25.12 37.58
CA LYS C 346 0.36 -26.34 38.34
C LYS C 346 0.06 -26.02 39.82
N GLU C 347 -0.23 -27.07 40.59
CA GLU C 347 -0.52 -26.92 42.00
C GLU C 347 0.69 -26.31 42.70
N ALA C 348 0.45 -25.25 43.49
CA ALA C 348 1.53 -24.55 44.17
C ALA C 348 1.78 -25.15 45.56
N PRO C 349 3.04 -25.03 46.05
CA PRO C 349 3.34 -25.63 47.34
C PRO C 349 2.82 -24.76 48.48
N THR C 350 2.71 -25.37 49.66
CA THR C 350 2.40 -24.67 50.88
C THR C 350 3.72 -24.22 51.47
N MET C 351 3.78 -22.97 51.86
CA MET C 351 5.02 -22.38 52.37
C MET C 351 4.82 -21.63 53.69
N PRO C 352 5.77 -21.76 54.64
CA PRO C 352 5.70 -20.97 55.89
C PRO C 352 6.04 -19.50 55.71
N PHE C 353 5.38 -18.64 56.50
CA PHE C 353 5.66 -17.20 56.50
C PHE C 353 6.03 -16.75 57.89
N SER C 354 7.14 -16.04 58.03
CA SER C 354 7.55 -15.60 59.39
C SER C 354 6.57 -14.59 60.00
N TRP C 355 5.77 -13.94 59.14
CA TRP C 355 4.73 -13.00 59.56
C TRP C 355 3.64 -13.74 60.33
N ILE C 356 3.57 -15.06 60.20
CA ILE C 356 2.55 -15.80 60.91
C ILE C 356 3.14 -16.98 61.68
N PHE C 357 4.27 -16.73 62.33
CA PHE C 357 4.94 -17.67 63.21
C PHE C 357 5.34 -18.94 62.48
N ASP C 358 5.50 -18.81 61.17
CA ASP C 358 5.85 -19.90 60.28
C ASP C 358 4.74 -20.91 60.05
N ARG C 359 3.51 -20.53 60.37
CA ARG C 359 2.35 -21.28 59.88
C ARG C 359 2.34 -21.22 58.34
N GLN C 360 1.64 -22.14 57.71
CA GLN C 360 1.79 -22.29 56.26
C GLN C 360 0.55 -22.00 55.43
N VAL C 361 0.72 -21.25 54.35
CA VAL C 361 -0.40 -20.94 53.45
C VAL C 361 -0.09 -21.47 52.06
N LYS C 362 -1.13 -21.73 51.29
CA LYS C 362 -0.94 -22.26 49.94
C LYS C 362 -0.56 -21.12 48.99
N LEU C 363 0.57 -21.27 48.32
CA LEU C 363 1.06 -20.27 47.37
C LEU C 363 0.24 -20.21 46.08
N ALA D 1 14.63 -27.25 24.52
CA ALA D 1 13.19 -27.12 24.86
C ALA D 1 12.95 -27.25 26.36
N LYS D 2 13.01 -26.13 27.07
CA LYS D 2 12.76 -26.08 28.51
C LYS D 2 11.25 -26.00 28.77
N LYS D 3 10.82 -26.66 29.84
CA LYS D 3 9.40 -26.73 30.20
C LYS D 3 8.73 -25.35 30.30
N GLU D 4 9.47 -24.38 30.84
CA GLU D 4 8.95 -23.03 31.09
C GLU D 4 9.28 -22.02 29.98
N THR D 5 10.13 -22.45 29.03
CA THR D 5 10.46 -21.64 27.85
C THR D 5 9.55 -22.01 26.67
N ILE D 6 9.15 -23.28 26.58
CA ILE D 6 8.20 -23.74 25.57
C ILE D 6 6.78 -23.21 25.83
N ASP D 7 6.42 -23.09 27.12
CA ASP D 7 5.16 -22.48 27.53
C ASP D 7 5.02 -21.05 26.99
N LYS D 8 6.05 -20.24 27.25
CA LYS D 8 6.03 -18.79 26.97
C LYS D 8 6.37 -18.42 25.53
N VAL D 9 6.63 -19.42 24.69
CA VAL D 9 6.91 -19.20 23.27
C VAL D 9 5.70 -19.58 22.41
N SER D 10 4.95 -20.59 22.84
CA SER D 10 3.69 -20.96 22.18
C SER D 10 2.56 -19.99 22.54
N ASP D 11 2.84 -19.12 23.53
CA ASP D 11 1.90 -18.10 24.01
C ASP D 11 1.52 -17.12 22.90
N ILE D 12 2.54 -16.57 22.26
CA ILE D 12 2.40 -15.64 21.14
C ILE D 12 1.70 -16.29 19.95
N VAL D 13 2.00 -17.57 19.71
CA VAL D 13 1.52 -18.31 18.54
C VAL D 13 -0.02 -18.42 18.48
N LYS D 14 -0.63 -18.85 19.58
CA LYS D 14 -2.09 -18.98 19.64
C LYS D 14 -2.77 -17.62 19.77
N GLU D 15 -2.02 -16.63 20.26
CA GLU D 15 -2.52 -15.27 20.44
C GLU D 15 -2.73 -14.57 19.10
N LYS D 16 -1.72 -14.64 18.24
CA LYS D 16 -1.74 -13.96 16.94
C LYS D 16 -2.58 -14.70 15.88
N LEU D 17 -3.12 -15.86 16.23
CA LEU D 17 -3.91 -16.66 15.28
C LEU D 17 -5.39 -16.85 15.66
N ALA D 18 -5.80 -16.23 16.76
CA ALA D 18 -7.20 -16.24 17.24
C ALA D 18 -7.76 -17.63 17.60
N LEU D 19 -6.90 -18.51 18.09
CA LEU D 19 -7.31 -19.85 18.52
C LEU D 19 -6.97 -20.07 19.99
N GLY D 20 -8.01 -20.21 20.81
CA GLY D 20 -7.86 -20.41 22.25
C GLY D 20 -7.55 -21.85 22.62
N ALA D 21 -8.45 -22.46 23.38
CA ALA D 21 -8.30 -23.86 23.79
C ALA D 21 -9.22 -24.80 23.00
N ASP D 22 -9.26 -24.59 21.68
CA ASP D 22 -10.16 -25.35 20.79
C ASP D 22 -9.49 -26.53 20.06
N VAL D 23 -8.51 -26.24 19.20
CA VAL D 23 -7.80 -27.29 18.44
C VAL D 23 -6.41 -27.51 19.03
N VAL D 24 -6.18 -28.69 19.61
CA VAL D 24 -4.88 -29.05 20.18
C VAL D 24 -3.86 -29.27 19.06
N VAL D 25 -2.76 -28.53 19.12
CA VAL D 25 -1.69 -28.61 18.11
C VAL D 25 -0.37 -29.04 18.77
N THR D 26 0.67 -29.21 17.95
CA THR D 26 2.00 -29.61 18.42
C THR D 26 3.03 -28.47 18.31
N ALA D 27 4.30 -28.81 18.54
CA ALA D 27 5.40 -27.86 18.42
C ALA D 27 6.13 -27.97 17.07
N ASP D 28 5.73 -28.96 16.27
CA ASP D 28 6.40 -29.26 14.99
C ASP D 28 5.63 -28.79 13.75
N SER D 29 4.46 -28.19 13.95
CA SER D 29 3.63 -27.74 12.85
C SER D 29 4.15 -26.43 12.26
N GLU D 30 4.12 -26.35 10.93
CA GLU D 30 4.59 -25.18 10.19
C GLU D 30 3.62 -24.01 10.38
N PHE D 31 4.12 -22.78 10.23
CA PHE D 31 3.31 -21.59 10.41
C PHE D 31 2.38 -21.27 9.24
N SER D 32 2.67 -21.88 8.08
CA SER D 32 1.77 -21.86 6.93
C SER D 32 0.79 -23.04 6.98
N LYS D 33 1.17 -24.08 7.74
CA LYS D 33 0.28 -25.19 8.10
C LYS D 33 -0.76 -24.74 9.11
N LEU D 34 -0.40 -23.75 9.92
CA LEU D 34 -1.30 -23.16 10.92
C LEU D 34 -2.26 -22.13 10.31
N GLY D 35 -1.71 -21.22 9.50
CA GLY D 35 -2.50 -20.17 8.85
C GLY D 35 -1.89 -18.79 8.94
N ALA D 36 -0.66 -18.72 9.46
CA ALA D 36 0.07 -17.46 9.63
C ALA D 36 0.94 -17.14 8.41
N ASP D 37 0.75 -15.95 7.84
CA ASP D 37 1.54 -15.51 6.68
C ASP D 37 2.95 -15.03 7.07
N SEP D 38 3.69 -14.56 6.06
CA SEP D 38 5.10 -14.18 6.21
CB SEP D 38 5.69 -13.91 4.82
OG SEP D 38 4.97 -12.88 4.18
C SEP D 38 5.37 -12.98 7.11
O SEP D 38 6.48 -12.85 7.64
P SEP D 38 5.94 -12.01 3.23
O1P SEP D 38 7.23 -12.87 2.79
O2P SEP D 38 5.10 -11.65 1.89
O3P SEP D 38 6.42 -10.66 3.96
N LEU D 39 4.37 -12.11 7.27
CA LEU D 39 4.52 -10.92 8.11
C LEU D 39 4.26 -11.20 9.60
N ASP D 40 3.59 -12.32 9.88
CA ASP D 40 3.32 -12.75 11.26
C ASP D 40 4.60 -13.16 11.98
N THR D 41 5.63 -13.52 11.20
CA THR D 41 6.90 -14.00 11.73
C THR D 41 7.74 -12.90 12.38
N VAL D 42 7.93 -11.79 11.65
CA VAL D 42 8.77 -10.66 12.10
C VAL D 42 8.14 -9.92 13.29
N GLU D 43 6.82 -10.06 13.43
CA GLU D 43 6.11 -9.60 14.62
C GLU D 43 6.28 -10.57 15.78
N ILE D 44 6.35 -11.87 15.47
CA ILE D 44 6.55 -12.91 16.48
C ILE D 44 7.94 -12.81 17.13
N VAL D 45 8.95 -12.42 16.33
CA VAL D 45 10.28 -12.10 16.84
C VAL D 45 10.25 -10.81 17.68
N MET D 46 9.60 -9.76 17.16
CA MET D 46 9.37 -8.52 17.92
C MET D 46 8.71 -8.83 19.27
N ASN D 47 7.76 -9.76 19.25
CA ASN D 47 7.06 -10.18 20.47
C ASN D 47 7.96 -10.85 21.50
N LEU D 48 8.97 -11.56 21.02
CA LEU D 48 9.92 -12.24 21.91
C LEU D 48 11.17 -11.40 22.22
N GLU D 49 11.20 -10.17 21.71
CA GLU D 49 12.27 -9.22 22.03
C GLU D 49 11.85 -8.19 23.08
N GLU D 50 10.60 -8.27 23.51
CA GLU D 50 10.08 -7.49 24.63
C GLU D 50 9.95 -8.38 25.86
N GLU D 51 9.94 -9.70 25.61
CA GLU D 51 9.82 -10.72 26.66
C GLU D 51 11.09 -10.89 27.49
N PHE D 52 12.24 -10.87 26.82
CA PHE D 52 13.54 -11.10 27.46
C PHE D 52 14.58 -10.02 27.10
N GLY D 53 14.31 -9.30 26.02
CA GLY D 53 15.13 -8.14 25.61
C GLY D 53 16.44 -8.46 24.95
N ILE D 54 16.39 -9.18 23.82
CA ILE D 54 17.60 -9.58 23.07
C ILE D 54 17.43 -9.42 21.56
N ASN D 55 18.50 -9.03 20.88
CA ASN D 55 18.49 -8.83 19.42
C ASN D 55 18.53 -10.12 18.59
N VAL D 56 17.84 -10.11 17.44
CA VAL D 56 17.74 -11.28 16.56
C VAL D 56 17.98 -10.88 15.09
N ASP D 57 19.11 -11.32 14.53
CA ASP D 57 19.47 -11.01 13.14
C ASP D 57 18.52 -11.66 12.13
N GLU D 58 18.42 -11.04 10.95
CA GLU D 58 17.48 -11.47 9.89
C GLU D 58 17.66 -12.91 9.39
N ASP D 59 18.85 -13.48 9.57
CA ASP D 59 19.14 -14.86 9.21
C ASP D 59 18.43 -15.84 10.15
N LYS D 60 18.48 -15.56 11.46
CA LYS D 60 17.88 -16.42 12.48
C LYS D 60 16.38 -16.20 12.66
N ALA D 61 15.81 -15.32 11.83
CA ALA D 61 14.38 -15.04 11.86
C ALA D 61 13.60 -15.89 10.85
N GLN D 62 14.31 -16.69 10.07
CA GLN D 62 13.70 -17.47 8.99
C GLN D 62 13.85 -18.99 9.19
N ASP D 63 14.82 -19.40 10.01
CA ASP D 63 15.00 -20.81 10.37
C ASP D 63 13.84 -21.32 11.24
N ILE D 64 12.97 -20.40 11.63
CA ILE D 64 11.82 -20.68 12.49
C ILE D 64 10.60 -21.10 11.67
N SER D 65 10.53 -22.40 11.38
CA SER D 65 9.38 -23.01 10.70
C SER D 65 8.44 -23.62 11.74
N THR D 66 9.03 -24.07 12.85
CA THR D 66 8.31 -24.74 13.94
C THR D 66 8.51 -23.98 15.25
N ILE D 67 8.07 -24.58 16.36
CA ILE D 67 8.23 -23.98 17.69
C ILE D 67 9.59 -24.32 18.30
N GLN D 68 10.08 -25.53 18.02
CA GLN D 68 11.37 -26.01 18.52
C GLN D 68 12.54 -25.17 18.01
N GLN D 69 12.46 -24.74 16.75
CA GLN D 69 13.50 -23.90 16.13
C GLN D 69 13.49 -22.48 16.69
N ALA D 70 12.32 -22.05 17.18
CA ALA D 70 12.13 -20.72 17.78
C ALA D 70 12.77 -20.61 19.17
N ALA D 71 12.52 -21.62 20.00
CA ALA D 71 13.04 -21.67 21.36
C ALA D 71 14.56 -21.89 21.40
N ASP D 72 15.09 -22.41 20.29
CA ASP D 72 16.50 -22.73 20.15
C ASP D 72 17.43 -21.52 20.42
N VAL D 73 17.25 -20.46 19.64
CA VAL D 73 18.16 -19.29 19.70
C VAL D 73 17.85 -18.36 20.89
N ILE D 74 16.70 -18.56 21.53
CA ILE D 74 16.29 -17.74 22.67
C ILE D 74 17.17 -17.98 23.90
N GLU D 75 17.39 -19.25 24.26
CA GLU D 75 18.25 -19.58 25.41
C GLU D 75 19.74 -19.47 25.12
N GLY D 76 20.11 -19.38 23.83
CA GLY D 76 21.49 -19.12 23.42
C GLY D 76 21.97 -17.73 23.82
N LEU D 77 21.06 -16.76 23.78
CA LEU D 77 21.31 -15.40 24.25
C LEU D 77 20.96 -15.22 25.73
N LEU D 78 20.21 -16.18 26.28
CA LEU D 78 19.89 -16.19 27.71
C LEU D 78 20.92 -16.97 28.53
N GLU D 79 21.89 -17.57 27.82
CA GLU D 79 23.13 -18.03 28.45
C GLU D 79 24.17 -16.92 28.32
N LYS D 80 23.79 -15.85 27.61
CA LYS D 80 24.62 -14.67 27.41
C LYS D 80 24.16 -13.51 28.31
N LYS D 81 22.93 -13.58 28.82
CA LYS D 81 22.40 -12.56 29.72
C LYS D 81 22.45 -12.98 31.20
N ALA D 82 21.82 -14.11 31.54
CA ALA D 82 21.72 -14.57 32.93
C ALA D 82 22.34 -15.95 33.17
FE FE E . 2.16 -0.52 -36.51
FE FE F . 0.87 -3.21 -37.04
ZN ZN G . 2.63 5.78 -28.05
FE FE H . -0.33 8.11 -15.08
FE FE I . -3.30 7.25 -13.53
ZN ZN J . 3.05 6.40 -24.98
C1 EDO K . -25.01 -7.51 5.58
O1 EDO K . -24.15 -6.37 5.46
C2 EDO K . -24.28 -8.65 6.30
O2 EDO K . -25.00 -9.01 7.50
FE FE L . -1.58 4.15 50.99
FE FE M . -1.09 5.56 48.34
ZN ZN N . 3.78 4.52 60.20
#